data_8FR3
#
_entry.id   8FR3
#
_cell.length_a   59.385
_cell.length_b   65.222
_cell.length_c   70.559
_cell.angle_alpha   107.670
_cell.angle_beta   98.790
_cell.angle_gamma   107.080
#
_symmetry.space_group_name_H-M   'P 1'
#
loop_
_entity.id
_entity.type
_entity.pdbx_description
1 polymer 'Elongation factor Tu'
2 non-polymer 'MAGNESIUM ION'
3 non-polymer "GUANOSINE-5'-DIPHOSPHATE"
4 non-polymer 3-chloro-N-(1-propyl-1H-tetrazol-5-yl)benzamide
5 water water
#
_entity_poly.entity_id   1
_entity_poly.type   'polypeptide(L)'
_entity_poly.pdbx_seq_one_letter_code
;MSKEKFERTKPHVNVGTIGHVDHGKTTLTAAITTVLAKTYGGAARAFDQIDNAPEEKARGITINTSHVEYDTPTRHYAHV
DCPGHADYVKNMITGAAQMDGAILVVAATDGPMPQTREHILLGRQVGVPYIIVFLNKCDMVDDEELLELVEMEVRELLSQ
YDFPGDDTPIVRGSALKALEGDAEWEAKILELAGFLDSYIPEPERAIDKPFLLPIEDVFSISGRGTVVTGRVERGIIKVG
EEVEIVGIKETQKSTCTGVEMFRKLLDEGRAGENVGVLLRGIKREEIERGQVLAKPGTIKPHTKFESEVYILSKDEGGRH
TPFFKGYRPQFYFRTTDVTGTIELPEGVEMVMPGDNIKMVVTLIHPIAMDDGLRFAIREGGRTVGAGVVAKVLGRSHHHH
HH
;
_entity_poly.pdbx_strand_id   A,B
#
loop_
_chem_comp.id
_chem_comp.type
_chem_comp.name
_chem_comp.formula
GDP RNA linking GUANOSINE-5'-DIPHOSPHATE 'C10 H15 N5 O11 P2'
MG non-polymer 'MAGNESIUM ION' 'Mg 2'
Y7C non-polymer 3-chloro-N-(1-propyl-1H-tetrazol-5-yl)benzamide 'C11 H12 Cl N5 O'
#
# COMPACT_ATOMS: atom_id res chain seq x y z
N THR A 9 6.60 -20.95 1.78
CA THR A 9 7.01 -21.92 2.84
C THR A 9 5.76 -22.49 3.52
N LYS A 10 4.94 -21.59 4.07
CA LYS A 10 3.79 -21.94 4.91
C LYS A 10 2.51 -21.27 4.42
N PRO A 11 1.32 -21.89 4.63
CA PRO A 11 0.05 -21.22 4.36
C PRO A 11 -0.07 -19.87 5.06
N HIS A 12 -0.48 -18.84 4.31
CA HIS A 12 -0.72 -17.49 4.81
C HIS A 12 -2.23 -17.36 5.05
N VAL A 13 -2.61 -16.96 6.27
CA VAL A 13 -4.00 -16.80 6.67
C VAL A 13 -4.24 -15.40 7.22
N ASN A 14 -5.31 -14.77 6.75
CA ASN A 14 -5.73 -13.47 7.25
C ASN A 14 -6.76 -13.63 8.34
N VAL A 15 -6.44 -13.11 9.53
CA VAL A 15 -7.35 -13.14 10.66
C VAL A 15 -7.42 -11.74 11.27
N GLY A 16 -8.17 -11.63 12.37
CA GLY A 16 -8.28 -10.38 13.08
C GLY A 16 -9.21 -10.51 14.26
N THR A 17 -9.08 -9.59 15.21
CA THR A 17 -9.94 -9.51 16.38
C THR A 17 -11.13 -8.63 16.06
N ILE A 18 -12.34 -9.10 16.43
CA ILE A 18 -13.57 -8.30 16.40
C ILE A 18 -14.32 -8.42 17.72
N GLY A 19 -15.25 -7.49 17.95
CA GLY A 19 -16.07 -7.43 19.15
C GLY A 19 -16.20 -6.02 19.68
N HIS A 20 -16.98 -5.88 20.76
CA HIS A 20 -17.27 -4.60 21.38
C HIS A 20 -16.02 -3.93 21.96
N VAL A 21 -16.05 -2.60 22.05
CA VAL A 21 -14.97 -1.80 22.59
C VAL A 21 -14.72 -2.13 24.06
N ASP A 22 -13.44 -2.29 24.42
CA ASP A 22 -12.97 -2.55 25.78
C ASP A 22 -13.13 -4.00 26.27
N HIS A 23 -13.53 -4.90 25.36
CA HIS A 23 -13.64 -6.32 25.68
C HIS A 23 -12.29 -7.07 25.66
N GLY A 24 -11.25 -6.44 25.08
CA GLY A 24 -9.88 -6.91 25.18
C GLY A 24 -9.19 -7.39 23.90
N LYS A 25 -9.66 -6.89 22.75
CA LYS A 25 -9.15 -7.30 21.44
C LYS A 25 -7.65 -7.02 21.33
N THR A 26 -7.26 -5.78 21.63
CA THR A 26 -5.88 -5.32 21.50
C THR A 26 -4.94 -6.08 22.45
N THR A 27 -5.39 -6.26 23.69
CA THR A 27 -4.66 -7.08 24.68
C THR A 27 -4.48 -8.52 24.21
N LEU A 28 -5.54 -9.10 23.65
CA LEU A 28 -5.50 -10.47 23.13
C LEU A 28 -4.50 -10.59 22.00
N THR A 29 -4.51 -9.59 21.10
CA THR A 29 -3.59 -9.55 19.97
C THR A 29 -2.14 -9.54 20.50
N ALA A 30 -1.86 -8.63 21.44
CA ALA A 30 -0.55 -8.57 22.11
C ALA A 30 -0.16 -9.91 22.74
N ALA A 31 -1.14 -10.56 23.39
CA ALA A 31 -0.91 -11.85 24.05
C ALA A 31 -0.66 -13.00 23.08
N ILE A 32 -1.33 -12.97 21.93
CA ILE A 32 -1.11 -13.99 20.90
C ILE A 32 0.33 -13.92 20.36
N THR A 33 0.78 -12.72 19.98
CA THR A 33 2.14 -12.53 19.47
C THR A 33 3.16 -12.99 20.51
N THR A 34 2.98 -12.50 21.75
CA THR A 34 3.87 -12.81 22.88
C THR A 34 3.99 -14.31 23.17
N VAL A 35 2.84 -14.97 23.39
CA VAL A 35 2.80 -16.37 23.79
C VAL A 35 3.31 -17.32 22.68
N LEU A 36 2.98 -16.99 21.41
CA LEU A 36 3.42 -17.80 20.28
C LEU A 36 4.92 -17.64 19.98
N ALA A 37 5.43 -16.41 20.16
CA ALA A 37 6.87 -16.15 20.05
C ALA A 37 7.66 -17.05 20.98
N LYS A 38 7.35 -17.01 22.28
CA LYS A 38 8.08 -17.76 23.32
C LYS A 38 7.90 -19.28 23.26
N THR A 39 6.83 -19.73 22.58
CA THR A 39 6.53 -21.15 22.45
C THR A 39 7.07 -21.72 21.13
N TYR A 40 6.84 -21.01 20.03
CA TYR A 40 7.07 -21.48 18.64
C TYR A 40 8.14 -20.65 17.91
N GLY A 41 8.45 -19.44 18.37
CA GLY A 41 9.33 -18.53 17.67
C GLY A 41 8.57 -17.43 16.96
N GLY A 42 9.17 -16.24 16.92
CA GLY A 42 8.57 -15.02 16.39
C GLY A 42 8.97 -13.82 17.23
N ALA A 43 8.39 -12.66 16.91
CA ALA A 43 8.62 -11.42 17.66
C ALA A 43 7.36 -11.03 18.43
N ALA A 44 7.47 -11.03 19.76
CA ALA A 44 6.43 -10.54 20.64
C ALA A 44 6.20 -9.04 20.42
N ARG A 45 4.93 -8.63 20.38
CA ARG A 45 4.51 -7.21 20.31
C ARG A 45 3.77 -6.86 21.61
N ALA A 46 3.81 -5.57 21.99
CA ALA A 46 3.30 -5.10 23.26
C ALA A 46 2.00 -4.33 23.04
N PHE A 47 1.07 -4.47 24.00
CA PHE A 47 -0.21 -3.79 23.97
C PHE A 47 -0.10 -2.38 23.38
N ASP A 48 0.77 -1.56 23.98
CA ASP A 48 0.87 -0.12 23.67
C ASP A 48 1.29 0.18 22.21
N GLN A 49 2.05 -0.73 21.60
CA GLN A 49 2.37 -0.67 20.17
C GLN A 49 1.11 -0.86 19.32
N ILE A 50 0.43 -1.99 19.55
CA ILE A 50 -0.75 -2.40 18.80
C ILE A 50 -1.92 -1.43 19.04
N ASP A 51 -2.12 -1.06 20.31
CA ASP A 51 -3.15 -0.08 20.70
C ASP A 51 -3.01 1.26 19.96
N ASN A 52 -1.76 1.71 19.77
CA ASN A 52 -1.47 2.93 19.01
C ASN A 52 -1.58 2.64 17.52
N ALA A 53 -2.83 2.62 17.02
CA ALA A 53 -3.13 2.22 15.66
C ALA A 53 -2.70 3.29 14.65
N PRO A 54 -1.76 2.98 13.72
CA PRO A 54 -1.46 3.88 12.61
C PRO A 54 -2.65 4.09 11.67
N GLU A 55 -2.76 5.29 11.10
CA GLU A 55 -3.80 5.64 10.15
C GLU A 55 -3.32 5.30 8.75
N GLU A 56 -4.11 4.51 8.03
CA GLU A 56 -3.79 4.06 6.67
C GLU A 56 -4.90 4.53 5.73
N LYS A 57 -4.53 4.82 4.47
CA LYS A 57 -5.47 5.35 3.47
C LYS A 57 -5.33 4.61 2.15
N ALA A 58 -6.48 4.15 1.62
CA ALA A 58 -6.56 3.47 0.33
C ALA A 58 -7.69 4.10 -0.49
N ARG A 59 -7.30 4.93 -1.47
CA ARG A 59 -8.22 5.65 -2.39
C ARG A 59 -9.18 6.53 -1.56
N GLY A 60 -8.62 7.31 -0.63
CA GLY A 60 -9.36 8.31 0.13
C GLY A 60 -9.79 7.89 1.53
N ILE A 61 -10.12 6.61 1.70
CA ILE A 61 -10.71 6.09 2.93
C ILE A 61 -9.64 5.98 4.02
N THR A 62 -9.85 6.70 5.12
CA THR A 62 -8.94 6.68 6.26
C THR A 62 -9.42 5.64 7.27
N ILE A 63 -8.49 4.75 7.67
CA ILE A 63 -8.77 3.71 8.65
C ILE A 63 -7.60 3.58 9.62
N ASN A 64 -7.89 3.62 10.92
CA ASN A 64 -6.92 3.35 11.95
C ASN A 64 -6.85 1.85 12.14
N THR A 65 -5.73 1.25 11.73
CA THR A 65 -5.56 -0.19 11.71
C THR A 65 -4.17 -0.56 12.19
N SER A 66 -4.09 -1.63 12.99
CA SER A 66 -2.83 -2.22 13.40
C SER A 66 -2.73 -3.58 12.74
N HIS A 67 -1.58 -3.84 12.10
CA HIS A 67 -1.25 -5.14 11.52
C HIS A 67 -0.13 -5.75 12.34
N VAL A 68 -0.34 -6.99 12.81
CA VAL A 68 0.71 -7.80 13.39
C VAL A 68 0.79 -9.12 12.63
N GLU A 69 1.87 -9.86 12.89
CA GLU A 69 2.07 -11.19 12.36
C GLU A 69 2.52 -12.11 13.47
N TYR A 70 2.06 -13.37 13.41
CA TYR A 70 2.50 -14.47 14.31
C TYR A 70 2.43 -15.79 13.55
N ASP A 71 3.15 -16.79 14.07
CA ASP A 71 3.26 -18.10 13.45
C ASP A 71 2.88 -19.17 14.44
N THR A 72 2.20 -20.21 13.94
CA THR A 72 2.05 -21.47 14.62
C THR A 72 3.00 -22.43 13.93
N PRO A 73 3.22 -23.67 14.42
CA PRO A 73 4.10 -24.63 13.76
C PRO A 73 3.87 -24.76 12.26
N THR A 74 2.61 -24.69 11.82
CA THR A 74 2.21 -25.00 10.46
C THR A 74 1.78 -23.83 9.60
N ARG A 75 1.40 -22.70 10.22
CA ARG A 75 0.75 -21.57 9.50
C ARG A 75 1.32 -20.23 9.96
N HIS A 76 1.28 -19.25 9.03
CA HIS A 76 1.67 -17.88 9.26
C HIS A 76 0.40 -17.05 9.14
N TYR A 77 0.21 -16.12 10.09
CA TYR A 77 -1.03 -15.32 10.25
C TYR A 77 -0.71 -13.84 10.06
N ALA A 78 -1.51 -13.17 9.23
CA ALA A 78 -1.58 -11.72 9.20
C ALA A 78 -2.86 -11.40 9.97
N HIS A 79 -2.70 -10.60 11.03
CA HIS A 79 -3.75 -10.35 12.00
C HIS A 79 -4.02 -8.87 12.10
N VAL A 80 -5.28 -8.48 11.89
CA VAL A 80 -5.69 -7.08 11.94
C VAL A 80 -6.42 -6.79 13.25
N ASP A 81 -6.23 -5.56 13.76
CA ASP A 81 -6.83 -5.10 15.01
C ASP A 81 -7.06 -3.60 14.85
N CYS A 82 -8.22 -3.13 15.32
CA CYS A 82 -8.61 -1.74 15.15
C CYS A 82 -9.05 -1.17 16.50
N PRO A 83 -8.83 0.14 16.74
CA PRO A 83 -9.29 0.77 17.97
C PRO A 83 -10.82 0.92 18.01
N GLY A 84 -11.42 1.55 16.98
CA GLY A 84 -12.82 1.94 17.00
C GLY A 84 -13.73 1.15 16.08
N HIS A 85 -15.00 1.04 16.49
CA HIS A 85 -16.07 0.42 15.71
C HIS A 85 -16.18 1.00 14.30
N ALA A 86 -15.99 2.32 14.19
CA ALA A 86 -15.93 3.01 12.90
C ALA A 86 -14.88 2.43 11.94
N ASP A 87 -13.72 2.03 12.48
CA ASP A 87 -12.64 1.44 11.68
C ASP A 87 -12.96 0.03 11.19
N TYR A 88 -13.58 -0.77 12.06
CA TYR A 88 -14.03 -2.15 11.75
C TYR A 88 -15.05 -2.12 10.61
N VAL A 89 -15.99 -1.18 10.64
CA VAL A 89 -16.93 -1.01 9.54
C VAL A 89 -16.16 -0.80 8.24
N LYS A 90 -15.26 0.19 8.25
CA LYS A 90 -14.46 0.55 7.08
C LYS A 90 -13.55 -0.59 6.63
N ASN A 91 -12.84 -1.20 7.59
CA ASN A 91 -11.89 -2.26 7.29
C ASN A 91 -12.57 -3.48 6.70
N MET A 92 -13.70 -3.88 7.28
CA MET A 92 -14.41 -5.08 6.85
C MET A 92 -15.05 -4.92 5.46
N ILE A 93 -15.54 -3.71 5.17
CA ILE A 93 -16.11 -3.42 3.87
C ILE A 93 -15.03 -3.16 2.80
N THR A 94 -14.03 -2.33 3.14
CA THR A 94 -13.10 -1.77 2.15
C THR A 94 -11.61 -2.03 2.37
N GLY A 95 -11.26 -2.72 3.47
CA GLY A 95 -9.87 -2.94 3.87
C GLY A 95 -9.07 -3.82 2.92
N ALA A 96 -7.74 -3.67 2.97
CA ALA A 96 -6.82 -4.33 2.02
C ALA A 96 -7.00 -5.86 2.01
N ALA A 97 -6.93 -6.47 3.20
CA ALA A 97 -7.07 -7.91 3.36
C ALA A 97 -8.51 -8.31 3.64
N GLN A 98 -8.95 -9.39 2.97
CA GLN A 98 -10.21 -10.06 3.27
C GLN A 98 -9.90 -11.20 4.24
N MET A 99 -10.65 -11.25 5.36
CA MET A 99 -10.41 -12.22 6.42
C MET A 99 -10.82 -13.63 6.01
N ASP A 100 -9.93 -14.59 6.30
CA ASP A 100 -10.22 -16.02 6.22
C ASP A 100 -10.94 -16.50 7.47
N GLY A 101 -10.77 -15.75 8.57
CA GLY A 101 -11.39 -16.02 9.85
C GLY A 101 -11.26 -14.85 10.78
N ALA A 102 -12.18 -14.73 11.74
CA ALA A 102 -12.14 -13.68 12.75
C ALA A 102 -12.16 -14.32 14.14
N ILE A 103 -11.49 -13.66 15.10
CA ILE A 103 -11.59 -13.99 16.50
C ILE A 103 -12.53 -12.97 17.16
N LEU A 104 -13.72 -13.45 17.56
CA LEU A 104 -14.69 -12.63 18.28
C LEU A 104 -14.35 -12.65 19.76
N VAL A 105 -13.90 -11.51 20.29
CA VAL A 105 -13.60 -11.37 21.69
C VAL A 105 -14.86 -10.88 22.39
N VAL A 106 -15.31 -11.65 23.39
CA VAL A 106 -16.41 -11.26 24.26
C VAL A 106 -15.95 -11.35 25.72
N ALA A 107 -15.98 -10.21 26.42
CA ALA A 107 -15.66 -10.15 27.86
C ALA A 107 -16.71 -10.91 28.68
N ALA A 108 -16.26 -11.93 29.42
CA ALA A 108 -17.11 -12.77 30.28
C ALA A 108 -17.97 -11.96 31.25
N THR A 109 -17.41 -10.85 31.75
CA THR A 109 -18.10 -9.96 32.67
C THR A 109 -19.32 -9.26 32.03
N ASP A 110 -19.12 -8.67 30.85
CA ASP A 110 -20.19 -7.95 30.15
C ASP A 110 -21.16 -8.87 29.42
N GLY A 111 -20.62 -9.88 28.73
CA GLY A 111 -21.35 -10.68 27.77
C GLY A 111 -21.51 -9.93 26.45
N PRO A 112 -22.26 -10.49 25.46
CA PRO A 112 -22.53 -9.80 24.20
C PRO A 112 -23.09 -8.37 24.34
N MET A 113 -22.58 -7.45 23.51
CA MET A 113 -22.93 -6.02 23.53
C MET A 113 -23.26 -5.58 22.10
N PRO A 114 -23.79 -4.36 21.88
CA PRO A 114 -24.24 -3.95 20.53
C PRO A 114 -23.23 -4.22 19.41
N GLN A 115 -21.98 -3.78 19.60
CA GLN A 115 -20.91 -3.96 18.62
C GLN A 115 -20.50 -5.43 18.43
N THR A 116 -20.74 -6.26 19.44
CA THR A 116 -20.58 -7.71 19.31
C THR A 116 -21.48 -8.20 18.18
N ARG A 117 -22.74 -7.75 18.19
CA ARG A 117 -23.78 -8.09 17.19
C ARG A 117 -23.43 -7.46 15.83
N GLU A 118 -23.13 -6.15 15.82
CA GLU A 118 -22.82 -5.44 14.59
C GLU A 118 -21.70 -6.12 13.78
N HIS A 119 -20.63 -6.54 14.48
CA HIS A 119 -19.47 -7.15 13.85
C HIS A 119 -19.73 -8.54 13.31
N ILE A 120 -20.65 -9.26 13.97
CA ILE A 120 -21.06 -10.59 13.53
C ILE A 120 -21.89 -10.44 12.26
N LEU A 121 -22.81 -9.48 12.27
CA LEU A 121 -23.65 -9.15 11.13
C LEU A 121 -22.80 -8.73 9.94
N LEU A 122 -21.91 -7.76 10.17
CA LEU A 122 -20.97 -7.31 9.15
C LEU A 122 -20.14 -8.47 8.63
N GLY A 123 -19.68 -9.33 9.54
CA GLY A 123 -18.91 -10.51 9.21
C GLY A 123 -19.62 -11.35 8.18
N ARG A 124 -20.91 -11.59 8.41
CA ARG A 124 -21.79 -12.36 7.47
C ARG A 124 -21.91 -11.60 6.16
N GLN A 125 -22.28 -10.31 6.22
CA GLN A 125 -22.48 -9.47 5.04
C GLN A 125 -21.29 -9.44 4.11
N VAL A 126 -20.08 -9.30 4.67
CA VAL A 126 -18.85 -9.21 3.87
C VAL A 126 -18.18 -10.56 3.58
N GLY A 127 -18.79 -11.65 4.06
CA GLY A 127 -18.38 -13.00 3.73
C GLY A 127 -17.26 -13.59 4.56
N VAL A 128 -17.07 -13.09 5.79
CA VAL A 128 -16.11 -13.65 6.72
C VAL A 128 -16.52 -15.10 6.99
N PRO A 129 -15.74 -16.10 6.52
CA PRO A 129 -16.22 -17.48 6.45
C PRO A 129 -16.33 -18.19 7.82
N TYR A 130 -15.43 -17.90 8.74
CA TYR A 130 -15.32 -18.59 10.06
C TYR A 130 -15.12 -17.59 11.19
N ILE A 131 -15.78 -17.85 12.32
CA ILE A 131 -15.60 -17.10 13.55
C ILE A 131 -15.26 -18.08 14.68
N ILE A 132 -14.25 -17.68 15.45
CA ILE A 132 -13.83 -18.37 16.67
C ILE A 132 -14.00 -17.34 17.75
N VAL A 133 -14.40 -17.80 18.94
CA VAL A 133 -14.68 -16.93 20.07
C VAL A 133 -13.62 -17.09 21.13
N PHE A 134 -13.08 -15.97 21.61
CA PHE A 134 -12.29 -15.93 22.81
C PHE A 134 -13.14 -15.26 23.86
N LEU A 135 -13.56 -16.04 24.86
CA LEU A 135 -14.29 -15.54 26.00
C LEU A 135 -13.27 -14.99 26.98
N ASN A 136 -13.16 -13.66 27.00
CA ASN A 136 -12.10 -12.95 27.74
C ASN A 136 -12.51 -12.53 29.15
N LYS A 137 -11.49 -12.18 29.96
CA LYS A 137 -11.63 -11.72 31.35
C LYS A 137 -12.22 -12.77 32.29
N CYS A 138 -11.91 -14.05 32.01
CA CYS A 138 -12.33 -15.17 32.85
C CYS A 138 -11.56 -15.25 34.17
N ASP A 139 -10.52 -14.41 34.30
CA ASP A 139 -9.85 -14.21 35.57
C ASP A 139 -10.72 -13.40 36.55
N MET A 140 -11.69 -12.65 36.01
CA MET A 140 -12.63 -11.85 36.81
C MET A 140 -13.90 -12.60 37.21
N VAL A 141 -14.00 -13.87 36.82
CA VAL A 141 -15.22 -14.67 37.02
C VAL A 141 -14.87 -16.07 37.50
N ASP A 142 -15.36 -16.42 38.69
CA ASP A 142 -15.10 -17.73 39.31
C ASP A 142 -16.31 -18.70 39.24
N ASP A 143 -17.51 -18.13 39.09
CA ASP A 143 -18.73 -18.92 38.98
C ASP A 143 -18.80 -19.50 37.57
N GLU A 144 -18.50 -20.79 37.42
CA GLU A 144 -18.51 -21.47 36.13
C GLU A 144 -19.87 -21.39 35.41
N GLU A 145 -20.96 -21.40 36.19
CA GLU A 145 -22.30 -21.33 35.62
C GLU A 145 -22.51 -20.07 34.76
N LEU A 146 -21.99 -18.94 35.22
CA LEU A 146 -22.09 -17.67 34.50
C LEU A 146 -21.34 -17.71 33.15
N LEU A 147 -20.19 -18.40 33.13
CA LEU A 147 -19.41 -18.57 31.91
C LEU A 147 -20.21 -19.36 30.86
N GLU A 148 -20.82 -20.47 31.31
CA GLU A 148 -21.71 -21.27 30.46
C GLU A 148 -22.86 -20.44 29.87
N LEU A 149 -23.45 -19.55 30.67
CA LEU A 149 -24.57 -18.71 30.22
C LEU A 149 -24.14 -17.71 29.16
N VAL A 150 -22.99 -17.05 29.40
CA VAL A 150 -22.45 -16.08 28.46
C VAL A 150 -22.11 -16.78 27.14
N GLU A 151 -21.56 -18.00 27.26
CA GLU A 151 -21.23 -18.81 26.09
C GLU A 151 -22.46 -19.11 25.26
N MET A 152 -23.53 -19.57 25.92
CA MET A 152 -24.79 -19.89 25.25
C MET A 152 -25.38 -18.67 24.53
N GLU A 153 -25.28 -17.49 25.14
CA GLU A 153 -25.74 -16.25 24.52
C GLU A 153 -25.01 -15.97 23.21
N VAL A 154 -23.68 -16.13 23.24
CA VAL A 154 -22.81 -15.90 22.10
C VAL A 154 -23.14 -16.88 20.96
N ARG A 155 -23.31 -18.17 21.31
CA ARG A 155 -23.69 -19.25 20.35
C ARG A 155 -25.03 -18.89 19.70
N GLU A 156 -26.01 -18.46 20.50
CA GLU A 156 -27.30 -18.02 19.99
C GLU A 156 -27.11 -16.87 18.99
N LEU A 157 -26.38 -15.83 19.42
CA LEU A 157 -26.08 -14.65 18.59
C LEU A 157 -25.48 -15.02 17.24
N LEU A 158 -24.46 -15.89 17.25
CA LEU A 158 -23.81 -16.35 16.04
C LEU A 158 -24.78 -17.05 15.09
N SER A 159 -25.64 -17.89 15.65
CA SER A 159 -26.63 -18.64 14.88
C SER A 159 -27.68 -17.73 14.22
N GLN A 160 -28.10 -16.68 14.92
CA GLN A 160 -28.98 -15.66 14.37
C GLN A 160 -28.53 -15.18 12.99
N TYR A 161 -27.22 -15.06 12.80
CA TYR A 161 -26.56 -14.58 11.56
C TYR A 161 -25.91 -15.76 10.84
N ASP A 162 -26.50 -16.96 10.98
CA ASP A 162 -26.19 -18.11 10.13
C ASP A 162 -24.77 -18.69 10.30
N PHE A 163 -24.06 -18.26 11.36
CA PHE A 163 -22.81 -18.92 11.73
C PHE A 163 -23.19 -20.14 12.57
N PRO A 164 -22.40 -21.24 12.55
CA PRO A 164 -22.77 -22.47 13.26
C PRO A 164 -22.43 -22.37 14.76
N GLY A 165 -23.19 -21.54 15.50
CA GLY A 165 -23.03 -21.29 16.91
C GLY A 165 -22.71 -22.50 17.79
N ASP A 166 -23.46 -23.58 17.57
CA ASP A 166 -23.30 -24.83 18.32
C ASP A 166 -21.91 -25.44 18.15
N ASP A 167 -21.30 -25.23 16.97
CA ASP A 167 -20.03 -25.83 16.61
C ASP A 167 -18.81 -24.89 16.70
N THR A 168 -19.05 -23.60 16.98
CA THR A 168 -17.95 -22.65 17.00
C THR A 168 -17.10 -22.88 18.25
N PRO A 169 -15.76 -23.05 18.10
CA PRO A 169 -14.88 -23.15 19.26
C PRO A 169 -14.99 -21.89 20.12
N ILE A 170 -15.16 -22.07 21.44
CA ILE A 170 -15.14 -20.97 22.40
C ILE A 170 -14.05 -21.26 23.43
N VAL A 171 -13.07 -20.36 23.53
CA VAL A 171 -11.99 -20.48 24.49
C VAL A 171 -12.20 -19.53 25.66
N ARG A 172 -12.27 -20.11 26.86
CA ARG A 172 -12.29 -19.40 28.16
C ARG A 172 -10.86 -19.02 28.53
N GLY A 173 -10.53 -17.73 28.48
CA GLY A 173 -9.19 -17.25 28.76
C GLY A 173 -9.12 -15.87 29.36
N SER A 174 -7.90 -15.41 29.59
CA SER A 174 -7.61 -14.07 30.07
C SER A 174 -6.44 -13.54 29.26
N ALA A 175 -6.71 -12.54 28.41
CA ALA A 175 -5.67 -11.92 27.60
C ALA A 175 -4.61 -11.26 28.48
N LEU A 176 -5.06 -10.63 29.57
CA LEU A 176 -4.17 -9.86 30.44
C LEU A 176 -3.23 -10.77 31.24
N LYS A 177 -3.82 -11.75 31.95
CA LYS A 177 -3.03 -12.72 32.71
C LYS A 177 -2.01 -13.44 31.83
N ALA A 178 -2.41 -13.80 30.61
CA ALA A 178 -1.53 -14.50 29.66
C ALA A 178 -0.42 -13.59 29.14
N LEU A 179 -0.75 -12.31 28.92
CA LEU A 179 0.22 -11.29 28.53
C LEU A 179 1.24 -11.02 29.64
N GLU A 180 0.82 -11.19 30.91
CA GLU A 180 1.64 -10.95 32.11
C GLU A 180 2.52 -12.13 32.55
N GLY A 181 2.37 -13.29 31.91
CA GLY A 181 3.25 -14.42 32.09
C GLY A 181 2.72 -15.64 32.85
N ASP A 182 1.42 -15.60 33.22
CA ASP A 182 0.79 -16.71 33.91
C ASP A 182 0.63 -17.89 32.95
N ALA A 183 1.45 -18.93 33.15
CA ALA A 183 1.48 -20.13 32.31
C ALA A 183 0.13 -20.81 32.13
N GLU A 184 -0.69 -20.80 33.19
CA GLU A 184 -2.01 -21.45 33.19
C GLU A 184 -2.97 -20.79 32.19
N TRP A 185 -2.87 -19.46 32.06
CA TRP A 185 -3.66 -18.67 31.12
C TRP A 185 -3.03 -18.56 29.74
N GLU A 186 -1.69 -18.60 29.68
CA GLU A 186 -0.96 -18.66 28.41
C GLU A 186 -1.31 -19.93 27.65
N ALA A 187 -1.59 -21.00 28.40
CA ALA A 187 -2.06 -22.26 27.83
C ALA A 187 -3.34 -22.07 27.02
N LYS A 188 -4.20 -21.14 27.45
CA LYS A 188 -5.46 -20.84 26.77
C LYS A 188 -5.27 -20.07 25.46
N ILE A 189 -4.26 -19.19 25.43
CA ILE A 189 -3.84 -18.55 24.19
C ILE A 189 -3.36 -19.58 23.17
N LEU A 190 -2.71 -20.64 23.65
CA LEU A 190 -2.24 -21.73 22.80
C LEU A 190 -3.40 -22.58 22.29
N GLU A 191 -4.44 -22.73 23.12
CA GLU A 191 -5.67 -23.44 22.73
C GLU A 191 -6.37 -22.68 21.59
N LEU A 192 -6.45 -21.36 21.73
CA LEU A 192 -6.96 -20.46 20.68
C LEU A 192 -6.18 -20.61 19.36
N ALA A 193 -4.85 -20.61 19.47
CA ALA A 193 -3.96 -20.78 18.31
C ALA A 193 -4.23 -22.10 17.62
N GLY A 194 -4.41 -23.15 18.42
CA GLY A 194 -4.78 -24.47 17.91
C GLY A 194 -6.06 -24.43 17.11
N PHE A 195 -7.06 -23.66 17.57
CA PHE A 195 -8.34 -23.57 16.87
C PHE A 195 -8.24 -22.79 15.56
N LEU A 196 -7.45 -21.70 15.56
CA LEU A 196 -7.10 -21.01 14.34
C LEU A 196 -6.56 -22.05 13.33
N ASP A 197 -5.57 -22.84 13.78
CA ASP A 197 -4.95 -23.90 12.98
C ASP A 197 -5.93 -24.96 12.52
N SER A 198 -6.78 -25.45 13.43
CA SER A 198 -7.62 -26.62 13.19
C SER A 198 -9.01 -26.34 12.60
N TYR A 199 -9.59 -25.17 12.91
CA TYR A 199 -11.00 -24.83 12.60
C TYR A 199 -11.11 -24.02 11.31
N ILE A 200 -10.17 -23.10 11.06
CA ILE A 200 -10.11 -22.40 9.76
C ILE A 200 -9.36 -23.29 8.78
N PRO A 201 -10.03 -23.87 7.75
CA PRO A 201 -9.36 -24.76 6.80
C PRO A 201 -8.24 -24.03 6.04
N GLU A 202 -7.28 -24.78 5.51
CA GLU A 202 -6.17 -24.23 4.75
C GLU A 202 -6.73 -23.43 3.58
N PRO A 203 -6.37 -22.13 3.43
CA PRO A 203 -6.88 -21.32 2.32
C PRO A 203 -6.50 -21.90 0.96
N GLU A 204 -7.45 -22.00 0.03
CA GLU A 204 -7.16 -22.47 -1.33
C GLU A 204 -6.25 -21.45 -1.99
N ARG A 205 -5.12 -21.93 -2.54
CA ARG A 205 -4.17 -21.11 -3.34
C ARG A 205 -4.85 -20.79 -4.68
N ALA A 206 -4.59 -19.58 -5.22
CA ALA A 206 -5.31 -19.06 -6.38
C ALA A 206 -5.23 -20.00 -7.56
N ILE A 207 -4.03 -20.53 -7.80
CA ILE A 207 -3.75 -21.50 -8.86
C ILE A 207 -4.67 -22.73 -8.85
N ASP A 208 -5.13 -23.13 -7.66
CA ASP A 208 -6.02 -24.28 -7.48
C ASP A 208 -7.49 -23.95 -7.76
N LYS A 209 -7.83 -22.66 -7.75
CA LYS A 209 -9.22 -22.21 -7.97
C LYS A 209 -9.54 -22.18 -9.46
N PRO A 210 -10.84 -22.20 -9.86
CA PRO A 210 -11.21 -22.13 -11.27
C PRO A 210 -10.61 -20.89 -11.98
N PHE A 211 -10.21 -21.06 -13.23
CA PHE A 211 -9.59 -19.98 -13.99
C PHE A 211 -10.50 -18.76 -14.10
N LEU A 212 -9.94 -17.59 -13.82
CA LEU A 212 -10.58 -16.30 -14.09
C LEU A 212 -9.51 -15.28 -14.46
N LEU A 213 -9.82 -14.48 -15.50
CA LEU A 213 -8.96 -13.41 -16.01
C LEU A 213 -9.81 -12.19 -16.36
N PRO A 214 -9.72 -11.08 -15.61
CA PRO A 214 -10.38 -9.83 -15.99
C PRO A 214 -9.71 -9.20 -17.22
N ILE A 215 -10.50 -8.89 -18.26
CA ILE A 215 -9.98 -8.35 -19.50
C ILE A 215 -9.66 -6.86 -19.32
N GLU A 216 -8.38 -6.52 -19.45
CA GLU A 216 -7.94 -5.13 -19.36
C GLU A 216 -7.75 -4.51 -20.74
N ASP A 217 -7.46 -5.33 -21.75
CA ASP A 217 -7.20 -4.85 -23.10
C ASP A 217 -7.52 -5.90 -24.17
N VAL A 218 -7.58 -5.44 -25.42
CA VAL A 218 -7.94 -6.27 -26.56
C VAL A 218 -7.30 -5.77 -27.84
N PHE A 219 -6.79 -6.72 -28.65
CA PHE A 219 -6.08 -6.45 -29.88
C PHE A 219 -6.42 -7.57 -30.87
N SER A 220 -6.36 -7.25 -32.16
CA SER A 220 -6.39 -8.26 -33.23
C SER A 220 -4.98 -8.42 -33.78
N ILE A 221 -4.35 -9.55 -33.45
CA ILE A 221 -2.97 -9.81 -33.84
C ILE A 221 -2.97 -10.41 -35.25
N SER A 222 -2.14 -9.83 -36.13
CA SER A 222 -2.07 -10.21 -37.54
C SER A 222 -1.81 -11.70 -37.63
N GLY A 223 -2.65 -12.40 -38.41
CA GLY A 223 -2.54 -13.83 -38.66
C GLY A 223 -2.77 -14.79 -37.50
N ARG A 224 -3.53 -14.36 -36.49
CA ARG A 224 -3.88 -15.21 -35.31
C ARG A 224 -5.31 -14.92 -34.85
N GLY A 225 -5.71 -13.64 -34.81
CA GLY A 225 -7.04 -13.24 -34.40
C GLY A 225 -7.05 -12.34 -33.18
N THR A 226 -8.11 -12.44 -32.37
CA THR A 226 -8.34 -11.56 -31.23
C THR A 226 -7.63 -12.07 -29.96
N VAL A 227 -6.76 -11.24 -29.39
CA VAL A 227 -6.10 -11.52 -28.12
C VAL A 227 -6.73 -10.61 -27.06
N VAL A 228 -6.99 -11.19 -25.87
CA VAL A 228 -7.42 -10.42 -24.71
C VAL A 228 -6.35 -10.54 -23.63
N THR A 229 -5.99 -9.39 -23.04
CA THR A 229 -4.91 -9.31 -22.08
C THR A 229 -5.46 -9.01 -20.69
N GLY A 230 -4.75 -9.52 -19.68
CA GLY A 230 -4.99 -9.20 -18.29
C GLY A 230 -4.06 -10.00 -17.41
N ARG A 231 -4.19 -9.82 -16.09
CA ARG A 231 -3.54 -10.68 -15.07
C ARG A 231 -4.48 -11.85 -14.77
N VAL A 232 -3.93 -13.07 -14.71
CA VAL A 232 -4.70 -14.24 -14.29
C VAL A 232 -4.92 -14.10 -12.78
N GLU A 233 -6.17 -13.89 -12.36
CA GLU A 233 -6.52 -13.80 -10.93
C GLU A 233 -6.31 -15.16 -10.27
N ARG A 234 -7.00 -16.18 -10.83
CA ARG A 234 -7.05 -17.56 -10.29
C ARG A 234 -6.85 -18.57 -11.42
N GLY A 235 -6.37 -19.77 -11.07
CA GLY A 235 -6.37 -20.90 -11.97
C GLY A 235 -5.32 -20.87 -13.05
N ILE A 236 -5.52 -21.79 -14.00
CA ILE A 236 -4.63 -21.98 -15.13
C ILE A 236 -5.49 -22.12 -16.37
N ILE A 237 -5.16 -21.33 -17.40
CA ILE A 237 -5.70 -21.52 -18.73
C ILE A 237 -4.61 -22.14 -19.62
N LYS A 238 -4.93 -23.26 -20.25
CA LYS A 238 -4.03 -23.96 -21.16
C LYS A 238 -4.54 -23.85 -22.61
N VAL A 239 -3.61 -23.92 -23.55
CA VAL A 239 -3.92 -23.92 -24.98
C VAL A 239 -4.81 -25.11 -25.27
N GLY A 240 -5.97 -24.85 -25.89
CA GLY A 240 -6.97 -25.86 -26.21
C GLY A 240 -8.21 -25.88 -25.32
N GLU A 241 -8.09 -25.37 -24.09
CA GLU A 241 -9.19 -25.34 -23.15
C GLU A 241 -10.31 -24.40 -23.61
N GLU A 242 -11.55 -24.80 -23.34
CA GLU A 242 -12.71 -23.95 -23.54
C GLU A 242 -12.74 -22.91 -22.43
N VAL A 243 -13.29 -21.73 -22.76
CA VAL A 243 -13.48 -20.63 -21.81
C VAL A 243 -14.78 -19.93 -22.12
N GLU A 244 -15.39 -19.34 -21.11
CA GLU A 244 -16.53 -18.47 -21.29
C GLU A 244 -16.09 -17.01 -21.20
N ILE A 245 -16.84 -16.13 -21.86
CA ILE A 245 -16.65 -14.69 -21.79
C ILE A 245 -17.91 -14.15 -21.13
N VAL A 246 -17.79 -13.77 -19.84
CA VAL A 246 -18.91 -13.43 -18.97
C VAL A 246 -18.93 -11.94 -18.65
N GLY A 247 -20.13 -11.35 -18.66
CA GLY A 247 -20.35 -9.95 -18.34
C GLY A 247 -20.83 -9.10 -19.51
N ILE A 248 -21.59 -8.04 -19.19
CA ILE A 248 -21.99 -6.98 -20.11
C ILE A 248 -23.04 -7.39 -21.16
N LYS A 249 -22.79 -8.54 -21.80
CA LYS A 249 -23.70 -9.13 -22.76
C LYS A 249 -23.89 -10.59 -22.39
N GLU A 250 -24.68 -11.31 -23.20
CA GLU A 250 -24.89 -12.74 -23.01
C GLU A 250 -23.53 -13.42 -23.08
N THR A 251 -23.35 -14.48 -22.28
CA THR A 251 -22.08 -15.19 -22.19
C THR A 251 -21.78 -15.83 -23.55
N GLN A 252 -20.51 -15.78 -23.94
CA GLN A 252 -20.01 -16.38 -25.16
C GLN A 252 -19.07 -17.51 -24.81
N LYS A 253 -18.94 -18.46 -25.73
CA LYS A 253 -18.02 -19.58 -25.64
C LYS A 253 -16.88 -19.37 -26.64
N SER A 254 -15.73 -19.97 -26.33
CA SER A 254 -14.59 -19.99 -27.24
C SER A 254 -13.57 -20.99 -26.73
N THR A 255 -12.49 -21.14 -27.52
CA THR A 255 -11.35 -21.97 -27.17
C THR A 255 -10.10 -21.10 -27.14
N CYS A 256 -9.27 -21.30 -26.10
CA CYS A 256 -7.94 -20.72 -26.06
C CYS A 256 -7.07 -21.43 -27.09
N THR A 257 -6.58 -20.65 -28.06
CA THR A 257 -5.69 -21.14 -29.11
C THR A 257 -4.27 -20.56 -28.98
N GLY A 258 -3.92 -20.09 -27.77
CA GLY A 258 -2.64 -19.48 -27.51
C GLY A 258 -2.60 -18.67 -26.23
N VAL A 259 -1.41 -18.63 -25.61
CA VAL A 259 -1.11 -17.79 -24.46
C VAL A 259 0.25 -17.17 -24.70
N GLU A 260 0.31 -15.83 -24.77
CA GLU A 260 1.55 -15.14 -24.98
C GLU A 260 1.94 -14.30 -23.76
N MET A 261 3.24 -14.26 -23.46
CA MET A 261 3.81 -13.33 -22.49
C MET A 261 4.94 -12.57 -23.17
N PHE A 262 4.68 -11.29 -23.44
CA PHE A 262 5.61 -10.42 -24.16
C PHE A 262 5.82 -10.95 -25.58
N ARG A 263 6.90 -11.70 -25.82
CA ARG A 263 7.20 -12.32 -27.14
C ARG A 263 7.25 -13.85 -27.03
N LYS A 264 7.07 -14.41 -25.83
CA LYS A 264 7.21 -15.85 -25.59
C LYS A 264 5.85 -16.52 -25.63
N LEU A 265 5.72 -17.52 -26.50
CA LEU A 265 4.52 -18.37 -26.58
C LEU A 265 4.60 -19.43 -25.48
N LEU A 266 3.46 -19.64 -24.81
CA LEU A 266 3.35 -20.60 -23.72
C LEU A 266 2.18 -21.53 -24.03
N ASP A 267 2.20 -22.70 -23.39
CA ASP A 267 1.10 -23.67 -23.48
C ASP A 267 0.04 -23.40 -22.43
N GLU A 268 0.35 -22.54 -21.45
CA GLU A 268 -0.58 -22.14 -20.41
C GLU A 268 -0.27 -20.78 -19.79
N GLY A 269 -1.27 -20.22 -19.10
CA GLY A 269 -1.15 -19.01 -18.29
C GLY A 269 -1.65 -19.29 -16.88
N ARG A 270 -0.86 -18.90 -15.88
CA ARG A 270 -1.05 -19.26 -14.44
C ARG A 270 -1.45 -18.02 -13.64
N ALA A 271 -2.20 -18.22 -12.54
CA ALA A 271 -2.54 -17.15 -11.60
C ALA A 271 -1.30 -16.32 -11.32
N GLY A 272 -1.44 -14.99 -11.40
CA GLY A 272 -0.37 -14.05 -11.10
C GLY A 272 0.31 -13.43 -12.32
N GLU A 273 0.28 -14.16 -13.44
CA GLU A 273 0.95 -13.75 -14.66
C GLU A 273 0.06 -12.86 -15.52
N ASN A 274 0.66 -11.80 -16.06
CA ASN A 274 0.06 -10.97 -17.11
C ASN A 274 0.27 -11.61 -18.46
N VAL A 275 -0.82 -12.02 -19.11
CA VAL A 275 -0.77 -12.77 -20.36
C VAL A 275 -1.79 -12.24 -21.37
N GLY A 276 -1.59 -12.65 -22.63
CA GLY A 276 -2.54 -12.43 -23.71
C GLY A 276 -3.07 -13.80 -24.12
N VAL A 277 -4.39 -13.93 -24.13
CA VAL A 277 -5.08 -15.17 -24.48
C VAL A 277 -5.75 -14.98 -25.83
N LEU A 278 -5.38 -15.83 -26.79
CA LEU A 278 -5.96 -15.87 -28.13
C LEU A 278 -7.27 -16.67 -28.09
N LEU A 279 -8.33 -16.09 -28.67
CA LEU A 279 -9.67 -16.66 -28.64
C LEU A 279 -10.16 -17.03 -30.04
N ARG A 280 -10.49 -18.31 -30.22
CA ARG A 280 -11.03 -18.88 -31.49
C ARG A 280 -12.45 -18.33 -31.74
N GLY A 281 -12.69 -17.85 -32.96
CA GLY A 281 -14.02 -17.48 -33.41
C GLY A 281 -14.57 -16.17 -32.89
N ILE A 282 -13.74 -15.40 -32.19
CA ILE A 282 -14.19 -14.19 -31.51
C ILE A 282 -13.63 -12.95 -32.19
N LYS A 283 -14.53 -12.01 -32.50
CA LYS A 283 -14.17 -10.71 -33.06
C LYS A 283 -13.85 -9.74 -31.94
N ARG A 284 -13.03 -8.73 -32.26
CA ARG A 284 -12.65 -7.62 -31.35
C ARG A 284 -13.91 -6.87 -30.90
N GLU A 285 -14.90 -6.72 -31.79
CA GLU A 285 -16.14 -6.01 -31.48
C GLU A 285 -17.03 -6.75 -30.47
N GLU A 286 -16.78 -8.06 -30.31
CA GLU A 286 -17.51 -8.91 -29.38
C GLU A 286 -16.94 -8.90 -27.95
N ILE A 287 -15.92 -8.08 -27.70
CA ILE A 287 -15.27 -7.93 -26.40
C ILE A 287 -15.56 -6.54 -25.85
N GLU A 288 -16.08 -6.50 -24.61
CA GLU A 288 -16.51 -5.26 -23.96
C GLU A 288 -15.76 -5.08 -22.66
N ARG A 289 -15.52 -3.81 -22.30
CA ARG A 289 -14.94 -3.40 -20.99
C ARG A 289 -15.79 -3.99 -19.86
N GLY A 290 -15.17 -4.70 -18.92
CA GLY A 290 -15.86 -5.27 -17.76
C GLY A 290 -16.02 -6.78 -17.78
N GLN A 291 -15.74 -7.39 -18.93
CA GLN A 291 -15.86 -8.82 -19.10
C GLN A 291 -14.68 -9.57 -18.50
N VAL A 292 -14.92 -10.85 -18.18
CA VAL A 292 -13.89 -11.78 -17.73
C VAL A 292 -13.87 -13.04 -18.59
N LEU A 293 -12.67 -13.62 -18.76
CA LEU A 293 -12.52 -14.99 -19.19
C LEU A 293 -12.60 -15.88 -17.95
N ALA A 294 -13.44 -16.91 -18.01
CA ALA A 294 -13.63 -17.82 -16.90
C ALA A 294 -13.74 -19.26 -17.38
N LYS A 295 -13.31 -20.21 -16.52
CA LYS A 295 -13.56 -21.63 -16.74
C LYS A 295 -15.05 -21.81 -16.93
N PRO A 296 -15.51 -22.50 -18.00
CA PRO A 296 -16.94 -22.58 -18.34
C PRO A 296 -17.84 -22.97 -17.16
N GLY A 297 -18.86 -22.14 -16.88
CA GLY A 297 -19.87 -22.40 -15.88
C GLY A 297 -19.45 -22.20 -14.43
N THR A 298 -18.36 -21.47 -14.20
CA THR A 298 -17.80 -21.27 -12.85
C THR A 298 -18.07 -19.89 -12.23
N ILE A 299 -18.58 -18.96 -13.04
CA ILE A 299 -18.99 -17.65 -12.57
C ILE A 299 -20.08 -17.13 -13.50
N LYS A 300 -21.19 -16.66 -12.92
CA LYS A 300 -22.39 -16.26 -13.65
C LYS A 300 -22.51 -14.74 -13.68
N PRO A 301 -23.12 -14.17 -14.74
CA PRO A 301 -23.40 -12.73 -14.78
C PRO A 301 -24.62 -12.39 -13.92
N HIS A 302 -24.55 -11.26 -13.21
CA HIS A 302 -25.68 -10.75 -12.43
C HIS A 302 -25.77 -9.25 -12.59
N THR A 303 -27.01 -8.76 -12.57
CA THR A 303 -27.34 -7.35 -12.68
C THR A 303 -27.74 -6.75 -11.33
N LYS A 304 -28.39 -7.57 -10.50
CA LYS A 304 -28.94 -7.13 -9.23
C LYS A 304 -28.26 -7.87 -8.08
N PHE A 305 -27.95 -7.13 -7.01
CA PHE A 305 -27.31 -7.70 -5.84
C PHE A 305 -27.57 -6.89 -4.58
N GLU A 306 -27.43 -7.54 -3.44
CA GLU A 306 -27.44 -6.93 -2.12
C GLU A 306 -25.98 -6.66 -1.73
N SER A 307 -25.74 -5.49 -1.12
CA SER A 307 -24.40 -5.05 -0.77
C SER A 307 -24.35 -4.40 0.60
N GLU A 308 -23.17 -4.47 1.22
CA GLU A 308 -22.78 -3.59 2.29
C GLU A 308 -21.85 -2.56 1.67
N VAL A 309 -22.18 -1.27 1.85
CA VAL A 309 -21.41 -0.16 1.28
C VAL A 309 -21.05 0.80 2.40
N TYR A 310 -19.88 1.42 2.27
CA TYR A 310 -19.43 2.61 3.06
C TYR A 310 -19.35 3.82 2.11
N ILE A 311 -19.97 4.93 2.48
CA ILE A 311 -19.98 6.15 1.69
C ILE A 311 -18.97 7.10 2.29
N LEU A 312 -18.00 7.53 1.48
CA LEU A 312 -16.91 8.41 1.96
C LEU A 312 -17.47 9.68 2.58
N SER A 313 -16.77 10.18 3.61
CA SER A 313 -17.13 11.43 4.27
C SER A 313 -16.57 12.59 3.47
N LYS A 314 -17.01 13.82 3.82
CA LYS A 314 -16.49 15.05 3.22
C LYS A 314 -14.97 15.07 3.25
N ASP A 315 -14.40 14.76 4.43
CA ASP A 315 -12.95 14.74 4.67
C ASP A 315 -12.20 13.78 3.76
N GLU A 316 -12.74 12.57 3.60
CA GLU A 316 -12.16 11.52 2.76
C GLU A 316 -12.17 11.85 1.26
N GLY A 317 -12.75 13.00 0.89
CA GLY A 317 -12.82 13.48 -0.48
C GLY A 317 -14.08 13.05 -1.21
N GLY A 318 -15.14 12.76 -0.44
CA GLY A 318 -16.36 12.19 -0.96
C GLY A 318 -17.33 13.27 -1.39
N ARG A 319 -18.63 13.01 -1.18
CA ARG A 319 -19.73 13.97 -1.44
C ARG A 319 -19.86 14.96 -0.27
N HIS A 320 -20.44 16.13 -0.55
CA HIS A 320 -20.89 17.06 0.48
C HIS A 320 -22.34 16.75 0.84
N THR A 321 -23.18 16.62 -0.19
CA THR A 321 -24.62 16.40 -0.02
C THR A 321 -24.95 14.91 0.09
N PRO A 322 -26.08 14.54 0.74
CA PRO A 322 -26.57 13.15 0.72
C PRO A 322 -27.37 12.79 -0.53
N PHE A 323 -27.55 11.49 -0.77
CA PHE A 323 -28.32 11.00 -1.92
C PHE A 323 -29.53 10.20 -1.46
N PHE A 324 -30.44 9.92 -2.40
CA PHE A 324 -31.77 9.35 -2.13
C PHE A 324 -31.99 8.16 -3.04
N LYS A 325 -33.24 7.67 -3.08
CA LYS A 325 -33.59 6.46 -3.85
C LYS A 325 -33.16 6.52 -5.33
N GLY A 326 -33.33 7.68 -5.95
CA GLY A 326 -33.07 7.87 -7.37
C GLY A 326 -31.62 8.09 -7.77
N TYR A 327 -30.69 7.80 -6.85
CA TYR A 327 -29.22 7.89 -7.06
C TYR A 327 -28.80 6.81 -8.08
N ARG A 328 -28.03 7.20 -9.10
CA ARG A 328 -27.52 6.31 -10.18
C ARG A 328 -26.03 6.55 -10.37
N PRO A 329 -25.16 6.09 -9.44
CA PRO A 329 -23.72 6.28 -9.57
C PRO A 329 -23.05 5.22 -10.46
N GLN A 330 -21.74 5.38 -10.68
CA GLN A 330 -20.92 4.38 -11.34
C GLN A 330 -20.43 3.36 -10.31
N PHE A 331 -20.65 2.07 -10.60
CA PHE A 331 -20.19 0.96 -9.78
C PHE A 331 -19.01 0.29 -10.47
N TYR A 332 -17.81 0.48 -9.91
CA TYR A 332 -16.52 0.02 -10.48
C TYR A 332 -16.22 -1.42 -10.02
N PHE A 333 -16.36 -2.39 -10.93
CA PHE A 333 -16.00 -3.78 -10.71
C PHE A 333 -14.77 -4.16 -11.55
N ARG A 334 -13.67 -4.50 -10.86
CA ARG A 334 -12.40 -5.00 -11.46
C ARG A 334 -11.74 -3.92 -12.35
N THR A 335 -12.32 -3.67 -13.53
CA THR A 335 -11.69 -2.86 -14.58
C THR A 335 -12.48 -1.66 -15.10
N THR A 336 -13.80 -1.63 -14.85
CA THR A 336 -14.68 -0.61 -15.44
C THR A 336 -15.89 -0.20 -14.59
N ASP A 337 -16.38 1.02 -14.82
CA ASP A 337 -17.62 1.53 -14.24
C ASP A 337 -18.80 0.86 -14.91
N VAL A 338 -19.86 0.62 -14.12
CA VAL A 338 -21.16 0.24 -14.64
C VAL A 338 -22.23 0.97 -13.82
N THR A 339 -23.03 1.77 -14.51
CA THR A 339 -24.13 2.51 -13.89
C THR A 339 -25.13 1.53 -13.30
N GLY A 340 -25.70 1.91 -12.14
CA GLY A 340 -26.75 1.13 -11.51
C GLY A 340 -27.67 2.00 -10.68
N THR A 341 -28.89 1.49 -10.42
CA THR A 341 -29.85 2.12 -9.53
C THR A 341 -29.85 1.37 -8.20
N ILE A 342 -30.28 2.06 -7.15
CA ILE A 342 -30.24 1.54 -5.78
C ILE A 342 -31.64 1.44 -5.18
N GLU A 343 -31.80 0.52 -4.23
CA GLU A 343 -32.97 0.45 -3.36
C GLU A 343 -32.46 0.45 -1.91
N LEU A 344 -32.99 1.37 -1.10
CA LEU A 344 -32.56 1.58 0.27
C LEU A 344 -33.43 0.77 1.22
N PRO A 345 -32.88 0.34 2.39
CA PRO A 345 -33.66 -0.44 3.35
C PRO A 345 -34.85 0.37 3.91
N GLU A 346 -35.91 -0.33 4.36
CA GLU A 346 -37.12 0.31 4.85
C GLU A 346 -36.81 1.36 5.93
N GLY A 347 -37.53 2.48 5.87
CA GLY A 347 -37.36 3.58 6.79
C GLY A 347 -36.03 4.31 6.64
N VAL A 348 -35.51 4.37 5.41
CA VAL A 348 -34.32 5.16 5.09
C VAL A 348 -34.58 5.97 3.82
N GLU A 349 -34.66 7.29 3.95
CA GLU A 349 -34.97 8.18 2.83
C GLU A 349 -33.72 8.87 2.28
N MET A 350 -32.57 8.67 2.94
CA MET A 350 -31.39 9.49 2.75
C MET A 350 -30.15 8.70 3.17
N VAL A 351 -28.97 9.14 2.68
CA VAL A 351 -27.68 8.56 3.05
C VAL A 351 -26.62 9.65 3.02
N MET A 352 -26.01 9.91 4.19
CA MET A 352 -25.06 11.00 4.36
C MET A 352 -23.63 10.56 4.09
N PRO A 353 -22.70 11.48 3.76
CA PRO A 353 -21.27 11.21 3.78
C PRO A 353 -20.84 10.56 5.10
N GLY A 354 -20.16 9.40 5.02
CA GLY A 354 -19.64 8.70 6.19
C GLY A 354 -20.53 7.58 6.71
N ASP A 355 -21.75 7.48 6.17
CA ASP A 355 -22.68 6.42 6.52
C ASP A 355 -22.21 5.08 5.91
N ASN A 356 -22.67 3.98 6.52
CA ASN A 356 -22.61 2.66 5.93
C ASN A 356 -24.00 2.05 5.96
N ILE A 357 -24.44 1.49 4.83
CA ILE A 357 -25.76 0.89 4.71
C ILE A 357 -25.77 -0.39 3.89
N LYS A 358 -26.75 -1.24 4.18
CA LYS A 358 -27.18 -2.31 3.30
C LYS A 358 -27.87 -1.62 2.13
N MET A 359 -27.59 -2.10 0.91
CA MET A 359 -28.02 -1.45 -0.32
C MET A 359 -28.21 -2.50 -1.40
N VAL A 360 -29.41 -2.52 -2.00
CA VAL A 360 -29.70 -3.38 -3.14
C VAL A 360 -29.40 -2.58 -4.39
N VAL A 361 -28.51 -3.11 -5.23
CA VAL A 361 -28.09 -2.47 -6.47
C VAL A 361 -28.62 -3.23 -7.67
N THR A 362 -29.08 -2.47 -8.68
CA THR A 362 -29.49 -3.01 -9.98
C THR A 362 -28.64 -2.35 -11.06
N LEU A 363 -27.76 -3.14 -11.69
CA LEU A 363 -26.87 -2.67 -12.74
C LEU A 363 -27.60 -2.69 -14.09
N ILE A 364 -27.24 -1.75 -14.97
CA ILE A 364 -27.80 -1.65 -16.32
C ILE A 364 -27.25 -2.71 -17.28
N HIS A 365 -25.97 -3.08 -17.09
CA HIS A 365 -25.35 -4.23 -17.75
C HIS A 365 -24.91 -5.23 -16.70
N PRO A 366 -25.03 -6.56 -16.96
CA PRO A 366 -24.61 -7.57 -16.00
C PRO A 366 -23.08 -7.63 -15.81
N ILE A 367 -22.64 -8.11 -14.65
CA ILE A 367 -21.23 -8.33 -14.34
C ILE A 367 -21.06 -9.71 -13.75
N ALA A 368 -19.99 -10.42 -14.16
CA ALA A 368 -19.62 -11.69 -13.56
C ALA A 368 -19.24 -11.45 -12.11
N MET A 369 -19.96 -12.11 -11.18
CA MET A 369 -19.75 -11.91 -9.76
C MET A 369 -20.21 -13.09 -8.92
N ASP A 370 -19.53 -13.23 -7.77
CA ASP A 370 -19.92 -14.09 -6.67
C ASP A 370 -20.01 -13.21 -5.43
N ASP A 371 -20.62 -13.75 -4.37
CA ASP A 371 -20.65 -13.10 -3.07
C ASP A 371 -19.21 -12.91 -2.62
N GLY A 372 -18.89 -11.70 -2.15
CA GLY A 372 -17.57 -11.33 -1.70
C GLY A 372 -16.83 -10.37 -2.61
N LEU A 373 -17.33 -10.22 -3.85
CA LEU A 373 -16.72 -9.33 -4.83
C LEU A 373 -16.80 -7.88 -4.33
N ARG A 374 -15.65 -7.22 -4.25
CA ARG A 374 -15.53 -5.80 -3.82
C ARG A 374 -15.77 -4.88 -5.02
N PHE A 375 -16.17 -3.63 -4.75
CA PHE A 375 -16.36 -2.64 -5.78
C PHE A 375 -16.23 -1.25 -5.19
N ALA A 376 -15.95 -0.25 -6.05
CA ALA A 376 -15.99 1.15 -5.68
C ALA A 376 -17.23 1.78 -6.30
N ILE A 377 -17.69 2.88 -5.68
CA ILE A 377 -18.77 3.69 -6.19
C ILE A 377 -18.15 5.03 -6.58
N ARG A 378 -18.36 5.46 -7.83
CA ARG A 378 -17.70 6.66 -8.41
C ARG A 378 -18.73 7.61 -9.05
N GLU A 379 -18.35 8.89 -9.13
CA GLU A 379 -19.11 9.95 -9.78
C GLU A 379 -18.16 10.68 -10.71
N GLY A 380 -18.27 10.39 -12.01
CA GLY A 380 -17.40 10.98 -13.02
C GLY A 380 -15.93 10.79 -12.71
N GLY A 381 -15.55 9.57 -12.33
CA GLY A 381 -14.17 9.19 -12.10
C GLY A 381 -13.74 9.15 -10.64
N ARG A 382 -14.32 10.02 -9.81
CA ARG A 382 -13.89 10.23 -8.39
C ARG A 382 -14.68 9.28 -7.47
N THR A 383 -13.96 8.45 -6.70
CA THR A 383 -14.53 7.50 -5.75
C THR A 383 -15.29 8.19 -4.60
N VAL A 384 -16.58 7.89 -4.49
CA VAL A 384 -17.48 8.44 -3.48
C VAL A 384 -17.88 7.42 -2.41
N GLY A 385 -17.70 6.13 -2.72
CA GLY A 385 -17.96 5.03 -1.79
C GLY A 385 -17.18 3.77 -2.12
N ALA A 386 -17.43 2.70 -1.36
CA ALA A 386 -16.87 1.39 -1.59
C ALA A 386 -17.72 0.35 -0.87
N GLY A 387 -17.68 -0.90 -1.32
CA GLY A 387 -18.59 -1.92 -0.87
C GLY A 387 -18.19 -3.32 -1.23
N VAL A 388 -19.05 -4.28 -0.84
CA VAL A 388 -18.87 -5.70 -1.12
C VAL A 388 -20.23 -6.31 -1.36
N VAL A 389 -20.31 -7.17 -2.37
CA VAL A 389 -21.54 -7.88 -2.70
C VAL A 389 -21.78 -8.86 -1.55
N ALA A 390 -22.92 -8.73 -0.89
CA ALA A 390 -23.31 -9.61 0.21
C ALA A 390 -24.07 -10.83 -0.30
N LYS A 391 -25.03 -10.60 -1.19
CA LYS A 391 -25.82 -11.66 -1.83
C LYS A 391 -26.20 -11.31 -3.26
N VAL A 392 -25.86 -12.19 -4.21
CA VAL A 392 -26.30 -12.10 -5.60
C VAL A 392 -27.76 -12.54 -5.72
N LEU A 393 -28.52 -11.83 -6.56
CA LEU A 393 -29.98 -11.95 -6.66
C LEU A 393 -30.50 -12.45 -8.01
N THR B 9 -7.94 20.79 -3.09
CA THR B 9 -7.77 22.14 -3.74
C THR B 9 -6.44 22.85 -3.43
N LYS B 10 -5.61 22.25 -2.54
CA LYS B 10 -4.32 22.82 -2.17
C LYS B 10 -3.15 21.88 -2.46
N PRO B 11 -2.01 22.43 -2.92
CA PRO B 11 -0.83 21.61 -3.23
C PRO B 11 -0.38 20.74 -2.05
N HIS B 12 -0.10 19.46 -2.34
CA HIS B 12 0.36 18.48 -1.37
C HIS B 12 1.89 18.39 -1.41
N VAL B 13 2.53 18.55 -0.25
CA VAL B 13 3.99 18.50 -0.11
C VAL B 13 4.37 17.47 0.95
N ASN B 14 5.36 16.63 0.62
CA ASN B 14 5.91 15.65 1.54
C ASN B 14 7.14 16.23 2.20
N VAL B 15 7.10 16.32 3.53
CA VAL B 15 8.23 16.80 4.30
C VAL B 15 8.50 15.82 5.44
N GLY B 16 9.46 16.16 6.29
CA GLY B 16 9.79 15.37 7.45
C GLY B 16 10.93 15.96 8.21
N THR B 17 11.04 15.55 9.47
CA THR B 17 12.13 15.96 10.36
C THR B 17 13.29 14.99 10.21
N ILE B 18 14.51 15.52 10.10
CA ILE B 18 15.74 14.73 10.16
C ILE B 18 16.75 15.38 11.11
N GLY B 19 17.75 14.60 11.53
CA GLY B 19 18.80 15.05 12.44
C GLY B 19 19.10 14.02 13.51
N HIS B 20 20.08 14.35 14.36
CA HIS B 20 20.58 13.43 15.39
C HIS B 20 19.51 13.13 16.45
N VAL B 21 19.63 11.97 17.10
CA VAL B 21 18.69 11.55 18.15
C VAL B 21 18.75 12.51 19.34
N ASP B 22 17.57 12.88 19.86
CA ASP B 22 17.42 13.73 21.06
C ASP B 22 17.58 15.24 20.78
N HIS B 23 17.74 15.62 19.51
CA HIS B 23 17.86 17.04 19.14
C HIS B 23 16.50 17.77 19.06
N GLY B 24 15.40 17.00 19.01
CA GLY B 24 14.06 17.53 19.16
C GLY B 24 13.10 17.42 17.98
N LYS B 25 13.34 16.43 17.11
CA LYS B 25 12.55 16.23 15.90
C LYS B 25 11.06 16.03 16.23
N THR B 26 10.79 15.08 17.13
CA THR B 26 9.44 14.69 17.49
C THR B 26 8.70 15.85 18.18
N THR B 27 9.39 16.54 19.08
CA THR B 27 8.86 17.75 19.73
C THR B 27 8.50 18.83 18.72
N LEU B 28 9.39 19.04 17.74
CA LEU B 28 9.18 20.04 16.69
C LEU B 28 7.96 19.68 15.85
N THR B 29 7.84 18.40 15.52
CA THR B 29 6.71 17.90 14.75
C THR B 29 5.40 18.21 15.50
N ALA B 30 5.36 17.84 16.78
CA ALA B 30 4.23 18.15 17.66
C ALA B 30 3.92 19.64 17.69
N ALA B 31 4.97 20.47 17.76
CA ALA B 31 4.84 21.92 17.82
C ALA B 31 4.32 22.53 16.52
N ILE B 32 4.73 21.96 15.38
CA ILE B 32 4.28 22.43 14.09
C ILE B 32 2.77 22.21 13.94
N THR B 33 2.30 21.00 14.22
CA THR B 33 0.87 20.68 14.14
C THR B 33 0.07 21.58 15.04
N THR B 34 0.51 21.69 16.31
CA THR B 34 -0.14 22.50 17.35
C THR B 34 -0.27 23.97 16.96
N VAL B 35 0.87 24.61 16.63
CA VAL B 35 0.93 26.04 16.36
C VAL B 35 0.17 26.42 15.07
N LEU B 36 0.25 25.56 14.05
CA LEU B 36 -0.45 25.81 12.78
C LEU B 36 -1.96 25.60 12.89
N ALA B 37 -2.37 24.62 13.68
CA ALA B 37 -3.78 24.39 13.97
C ALA B 37 -4.42 25.66 14.55
N LYS B 38 -3.84 26.18 15.65
CA LYS B 38 -4.40 27.33 16.37
C LYS B 38 -4.29 28.67 15.61
N THR B 39 -3.39 28.72 14.63
CA THR B 39 -3.18 29.93 13.81
C THR B 39 -3.99 29.90 12.52
N TYR B 40 -3.96 28.76 11.81
CA TYR B 40 -4.49 28.59 10.44
C TYR B 40 -5.64 27.57 10.37
N GLY B 41 -5.80 26.70 11.37
CA GLY B 41 -6.76 25.62 11.32
C GLY B 41 -6.10 24.29 11.03
N GLY B 42 -6.64 23.22 11.62
CA GLY B 42 -6.13 21.86 11.55
C GLY B 42 -6.29 21.16 12.89
N ALA B 43 -5.73 19.94 13.00
CA ALA B 43 -5.76 19.17 14.24
C ALA B 43 -4.37 19.09 14.87
N ALA B 44 -4.23 19.67 16.07
CA ALA B 44 -3.00 19.59 16.85
C ALA B 44 -2.76 18.14 17.27
N ARG B 45 -1.50 17.70 17.18
CA ARG B 45 -1.03 16.38 17.67
C ARG B 45 -0.04 16.60 18.82
N ALA B 46 0.06 15.64 19.74
CA ALA B 46 0.82 15.78 20.97
C ALA B 46 2.09 14.94 20.91
N PHE B 47 3.18 15.45 21.51
CA PHE B 47 4.47 14.76 21.51
C PHE B 47 4.31 13.25 21.66
N ASP B 48 3.62 12.83 22.72
CA ASP B 48 3.52 11.42 23.12
C ASP B 48 2.83 10.51 22.10
N GLN B 49 1.92 11.09 21.29
CA GLN B 49 1.31 10.39 20.15
C GLN B 49 2.37 10.12 19.07
N ILE B 50 3.02 11.20 18.62
CA ILE B 50 4.00 11.17 17.55
C ILE B 50 5.24 10.36 17.96
N ASP B 51 5.73 10.58 19.18
CA ASP B 51 6.87 9.85 19.74
C ASP B 51 6.66 8.35 19.73
N ASN B 52 5.43 7.92 20.04
CA ASN B 52 5.07 6.50 20.05
C ASN B 52 4.82 6.03 18.63
N ALA B 53 5.90 5.80 17.88
CA ALA B 53 5.83 5.55 16.45
C ALA B 53 5.28 4.16 16.14
N PRO B 54 4.13 4.07 15.42
CA PRO B 54 3.64 2.79 14.90
C PRO B 54 4.60 2.14 13.91
N GLU B 55 4.65 0.81 13.90
CA GLU B 55 5.44 0.01 12.97
C GLU B 55 4.60 -0.24 11.72
N GLU B 56 5.15 0.12 10.55
CA GLU B 56 4.49 -0.01 9.26
C GLU B 56 5.34 -0.86 8.34
N LYS B 57 4.69 -1.49 7.34
CA LYS B 57 5.35 -2.43 6.43
C LYS B 57 4.96 -2.17 4.98
N ALA B 58 5.97 -2.12 4.10
CA ALA B 58 5.80 -2.04 2.66
C ALA B 58 6.65 -3.10 1.97
N ARG B 59 6.00 -4.18 1.52
CA ARG B 59 6.63 -5.35 0.85
C ARG B 59 7.70 -5.96 1.77
N GLY B 60 7.35 -6.21 3.04
CA GLY B 60 8.20 -6.91 3.99
C GLY B 60 8.99 -6.05 4.95
N ILE B 61 9.39 -4.86 4.49
CA ILE B 61 10.27 -3.98 5.24
C ILE B 61 9.51 -3.29 6.37
N THR B 62 9.95 -3.52 7.60
CA THR B 62 9.38 -2.93 8.81
C THR B 62 10.09 -1.60 9.11
N ILE B 63 9.29 -0.54 9.30
CA ILE B 63 9.78 0.78 9.67
C ILE B 63 8.88 1.40 10.72
N ASN B 64 9.48 1.91 11.79
CA ASN B 64 8.76 2.67 12.81
C ASN B 64 8.67 4.11 12.34
N THR B 65 7.46 4.53 11.97
CA THR B 65 7.22 5.82 11.35
C THR B 65 5.96 6.44 11.93
N SER B 66 6.01 7.75 12.16
CA SER B 66 4.84 8.54 12.50
C SER B 66 4.53 9.46 11.34
N HIS B 67 3.27 9.47 10.92
CA HIS B 67 2.77 10.39 9.90
C HIS B 67 1.81 11.39 10.56
N VAL B 68 2.08 12.68 10.38
CA VAL B 68 1.15 13.74 10.73
C VAL B 68 0.86 14.58 9.49
N GLU B 69 -0.17 15.43 9.60
CA GLU B 69 -0.55 16.38 8.57
C GLU B 69 -0.83 17.73 9.20
N TYR B 70 -0.44 18.79 8.48
CA TYR B 70 -0.71 20.20 8.86
C TYR B 70 -0.85 21.05 7.59
N ASP B 71 -1.48 22.22 7.74
CA ASP B 71 -1.76 23.11 6.65
C ASP B 71 -1.21 24.49 6.95
N THR B 72 -0.69 25.15 5.92
CA THR B 72 -0.44 26.58 5.94
C THR B 72 -1.56 27.19 5.08
N PRO B 73 -1.70 28.53 5.02
CA PRO B 73 -2.74 29.15 4.20
C PRO B 73 -2.82 28.60 2.76
N THR B 74 -1.67 28.25 2.17
CA THR B 74 -1.59 27.90 0.76
C THR B 74 -1.32 26.43 0.45
N ARG B 75 -0.75 25.69 1.41
CA ARG B 75 -0.21 24.32 1.16
C ARG B 75 -0.64 23.34 2.27
N HIS B 76 -0.77 22.06 1.90
CA HIS B 76 -1.05 20.97 2.80
C HIS B 76 0.18 20.08 2.83
N TYR B 77 0.60 19.67 4.02
CA TYR B 77 1.88 18.94 4.28
C TYR B 77 1.59 17.55 4.84
N ALA B 78 2.21 16.53 4.25
CA ALA B 78 2.36 15.22 4.86
C ALA B 78 3.77 15.21 5.41
N HIS B 79 3.88 14.98 6.73
CA HIS B 79 5.11 15.12 7.46
C HIS B 79 5.45 13.80 8.14
N VAL B 80 6.65 13.29 7.87
CA VAL B 80 7.12 12.04 8.45
C VAL B 80 8.13 12.33 9.56
N ASP B 81 8.09 11.50 10.61
CA ASP B 81 8.99 11.57 11.74
C ASP B 81 9.26 10.15 12.18
N CYS B 82 10.51 9.87 12.53
CA CYS B 82 10.92 8.54 12.93
C CYS B 82 11.67 8.59 14.26
N PRO B 83 11.55 7.55 15.10
CA PRO B 83 12.27 7.51 16.37
C PRO B 83 13.78 7.29 16.17
N GLY B 84 14.16 6.23 15.44
CA GLY B 84 15.54 5.83 15.30
C GLY B 84 16.18 6.10 13.95
N HIS B 85 17.50 6.34 13.98
CA HIS B 85 18.36 6.45 12.80
C HIS B 85 18.17 5.28 11.81
N ALA B 86 18.01 4.07 12.36
CA ALA B 86 17.69 2.88 11.58
C ALA B 86 16.44 3.05 10.68
N ASP B 87 15.42 3.74 11.20
CA ASP B 87 14.17 3.94 10.47
C ASP B 87 14.31 4.98 9.35
N TYR B 88 15.08 6.03 9.61
CA TYR B 88 15.41 7.11 8.62
C TYR B 88 16.13 6.47 7.42
N VAL B 89 17.09 5.59 7.68
CA VAL B 89 17.76 4.85 6.61
C VAL B 89 16.73 4.11 5.75
N LYS B 90 15.88 3.31 6.40
CA LYS B 90 14.86 2.53 5.71
C LYS B 90 13.85 3.39 4.97
N ASN B 91 13.35 4.43 5.66
CA ASN B 91 12.33 5.29 5.08
C ASN B 91 12.85 6.07 3.86
N MET B 92 14.06 6.59 3.97
CA MET B 92 14.67 7.38 2.89
C MET B 92 15.01 6.54 1.66
N ILE B 93 15.45 5.29 1.88
CA ILE B 93 15.76 4.37 0.79
C ILE B 93 14.50 3.76 0.19
N THR B 94 13.58 3.28 1.04
CA THR B 94 12.48 2.43 0.59
C THR B 94 11.06 2.92 0.90
N GLY B 95 10.93 4.05 1.61
CA GLY B 95 9.65 4.48 2.17
C GLY B 95 8.61 4.90 1.15
N ALA B 96 7.34 4.84 1.56
CA ALA B 96 6.19 5.15 0.69
C ALA B 96 6.28 6.55 0.08
N ALA B 97 6.50 7.56 0.92
CA ALA B 97 6.63 8.95 0.49
C ALA B 97 8.09 9.32 0.23
N GLN B 98 8.33 9.97 -0.92
CA GLN B 98 9.59 10.60 -1.23
C GLN B 98 9.47 12.06 -0.86
N MET B 99 10.42 12.56 -0.06
CA MET B 99 10.37 13.91 0.49
C MET B 99 10.65 14.97 -0.58
N ASP B 100 9.79 15.99 -0.61
CA ASP B 100 9.99 17.20 -1.40
C ASP B 100 10.94 18.16 -0.67
N GLY B 101 11.02 18.01 0.65
CA GLY B 101 11.91 18.81 1.50
C GLY B 101 12.01 18.21 2.88
N ALA B 102 13.11 18.53 3.58
CA ALA B 102 13.37 18.01 4.92
C ALA B 102 13.68 19.16 5.85
N ILE B 103 13.24 19.02 7.11
CA ILE B 103 13.58 19.96 8.18
C ILE B 103 14.67 19.32 9.02
N LEU B 104 15.88 19.86 8.94
CA LEU B 104 17.03 19.37 9.70
C LEU B 104 17.01 20.07 11.05
N VAL B 105 16.74 19.30 12.11
CA VAL B 105 16.75 19.81 13.46
C VAL B 105 18.14 19.61 14.04
N VAL B 106 18.76 20.72 14.48
CA VAL B 106 20.04 20.69 15.18
C VAL B 106 19.91 21.44 16.50
N ALA B 107 20.15 20.73 17.61
CA ALA B 107 20.12 21.31 18.95
C ALA B 107 21.28 22.29 19.13
N ALA B 108 20.95 23.55 19.42
CA ALA B 108 21.92 24.64 19.64
C ALA B 108 23.00 24.28 20.66
N THR B 109 22.61 23.54 21.69
CA THR B 109 23.50 23.09 22.75
C THR B 109 24.59 22.13 22.26
N ASP B 110 24.19 21.09 21.52
CA ASP B 110 25.11 20.08 21.00
C ASP B 110 25.86 20.55 19.75
N GLY B 111 25.15 21.19 18.83
CA GLY B 111 25.64 21.46 17.49
C GLY B 111 25.55 20.20 16.62
N PRO B 112 26.06 20.22 15.37
CA PRO B 112 26.08 19.05 14.50
C PRO B 112 26.70 17.78 15.13
N MET B 113 26.07 16.63 14.92
CA MET B 113 26.47 15.34 15.47
C MET B 113 26.50 14.30 14.34
N PRO B 114 27.05 13.09 14.56
CA PRO B 114 27.19 12.11 13.48
C PRO B 114 25.94 11.91 12.61
N GLN B 115 24.78 11.68 13.24
CA GLN B 115 23.52 11.47 12.52
C GLN B 115 23.01 12.74 11.80
N THR B 116 23.44 13.91 12.26
CA THR B 116 23.19 15.16 11.55
C THR B 116 23.80 15.05 10.14
N ARG B 117 25.05 14.57 10.09
CA ARG B 117 25.85 14.37 8.85
C ARG B 117 25.24 13.23 8.03
N GLU B 118 25.01 12.07 8.66
CA GLU B 118 24.46 10.90 7.99
C GLU B 118 23.17 11.20 7.23
N HIS B 119 22.27 11.96 7.85
CA HIS B 119 20.97 12.28 7.27
C HIS B 119 21.05 13.26 6.13
N ILE B 120 22.04 14.16 6.18
CA ILE B 120 22.29 15.12 5.11
C ILE B 120 22.85 14.36 3.91
N LEU B 121 23.80 13.45 4.18
CA LEU B 121 24.42 12.59 3.18
C LEU B 121 23.36 11.72 2.50
N LEU B 122 22.57 11.02 3.31
CA LEU B 122 21.49 10.18 2.83
C LEU B 122 20.50 11.02 2.01
N GLY B 123 20.20 12.22 2.52
CA GLY B 123 19.33 13.16 1.85
C GLY B 123 19.78 13.40 0.43
N ARG B 124 21.08 13.66 0.25
CA ARG B 124 21.71 13.87 -1.08
C ARG B 124 21.63 12.57 -1.89
N GLN B 125 22.05 11.44 -1.31
CA GLN B 125 22.06 10.15 -1.98
C GLN B 125 20.70 9.77 -2.57
N VAL B 126 19.63 9.98 -1.80
CA VAL B 126 18.27 9.61 -2.24
C VAL B 126 17.52 10.72 -2.97
N GLY B 127 18.16 11.88 -3.13
CA GLY B 127 17.63 12.98 -3.93
C GLY B 127 16.64 13.90 -3.24
N VAL B 128 16.72 14.00 -1.91
CA VAL B 128 15.95 14.97 -1.14
C VAL B 128 16.36 16.36 -1.62
N PRO B 129 15.45 17.09 -2.32
CA PRO B 129 15.85 18.27 -3.10
C PRO B 129 16.25 19.49 -2.26
N TYR B 130 15.57 19.72 -1.13
CA TYR B 130 15.75 20.93 -0.28
C TYR B 130 15.82 20.56 1.20
N ILE B 131 16.68 21.28 1.94
CA ILE B 131 16.77 21.18 3.38
C ILE B 131 16.63 22.57 4.00
N ILE B 132 15.83 22.64 5.07
CA ILE B 132 15.66 23.81 5.90
C ILE B 132 16.09 23.38 7.28
N VAL B 133 16.73 24.29 8.02
CA VAL B 133 17.26 23.99 9.34
C VAL B 133 16.44 24.70 10.41
N PHE B 134 16.06 23.94 11.43
CA PHE B 134 15.53 24.49 12.66
C PHE B 134 16.60 24.31 13.70
N LEU B 135 17.17 25.44 14.14
CA LEU B 135 18.17 25.46 15.20
C LEU B 135 17.40 25.44 16.52
N ASN B 136 17.34 24.26 17.14
CA ASN B 136 16.49 23.98 18.30
C ASN B 136 17.20 24.19 19.65
N LYS B 137 16.39 24.28 20.71
CA LYS B 137 16.83 24.46 22.10
C LYS B 137 17.53 25.79 22.35
N CYS B 138 17.12 26.83 21.61
CA CYS B 138 17.64 28.19 21.77
C CYS B 138 17.12 28.87 23.05
N ASP B 139 16.17 28.21 23.74
CA ASP B 139 15.79 28.62 25.08
C ASP B 139 16.87 28.30 26.11
N MET B 140 17.75 27.34 25.78
CA MET B 140 18.88 26.94 26.63
C MET B 140 20.15 27.74 26.39
N VAL B 141 20.13 28.66 25.43
CA VAL B 141 21.33 29.38 24.98
C VAL B 141 21.04 30.85 24.73
N ASP B 142 21.71 31.72 25.50
CA ASP B 142 21.56 33.18 25.37
C ASP B 142 22.77 33.85 24.68
N ASP B 143 23.93 33.17 24.71
CA ASP B 143 25.17 33.62 24.10
C ASP B 143 25.05 33.58 22.57
N GLU B 144 24.83 34.75 21.97
CA GLU B 144 24.61 34.87 20.52
C GLU B 144 25.79 34.35 19.70
N GLU B 145 27.00 34.55 20.20
CA GLU B 145 28.22 34.16 19.49
C GLU B 145 28.25 32.65 19.23
N LEU B 146 27.82 31.87 20.23
CA LEU B 146 27.80 30.41 20.13
C LEU B 146 26.80 29.94 19.06
N LEU B 147 25.65 30.64 18.98
CA LEU B 147 24.62 30.34 17.99
C LEU B 147 25.15 30.56 16.58
N GLU B 148 25.85 31.68 16.36
CA GLU B 148 26.47 31.98 15.08
C GLU B 148 27.47 30.90 14.66
N LEU B 149 28.25 30.39 15.61
CA LEU B 149 29.24 29.35 15.34
C LEU B 149 28.59 28.04 14.93
N VAL B 150 27.56 27.63 15.67
CA VAL B 150 26.81 26.41 15.38
C VAL B 150 26.16 26.53 14.01
N GLU B 151 25.64 27.73 13.70
CA GLU B 151 25.01 27.99 12.41
C GLU B 151 25.99 27.82 11.26
N MET B 152 27.19 28.42 11.41
CA MET B 152 28.25 28.31 10.41
C MET B 152 28.66 26.86 10.17
N GLU B 153 28.74 26.07 11.25
CA GLU B 153 29.09 24.65 11.14
C GLU B 153 28.07 23.88 10.30
N VAL B 154 26.79 24.16 10.56
CA VAL B 154 25.67 23.53 9.85
C VAL B 154 25.71 23.89 8.35
N ARG B 155 25.93 25.18 8.04
CA ARG B 155 26.05 25.70 6.65
C ARG B 155 27.20 24.98 5.95
N GLU B 156 28.35 24.87 6.62
CA GLU B 156 29.52 24.14 6.11
C GLU B 156 29.12 22.70 5.80
N LEU B 157 28.54 22.02 6.78
CA LEU B 157 28.09 20.62 6.65
C LEU B 157 27.17 20.39 5.44
N LEU B 158 26.18 21.27 5.28
CA LEU B 158 25.25 21.20 4.15
C LEU B 158 25.97 21.34 2.81
N SER B 159 26.93 22.27 2.75
CA SER B 159 27.69 22.54 1.55
C SER B 159 28.58 21.36 1.15
N GLN B 160 29.19 20.70 2.14
CA GLN B 160 29.97 19.48 1.92
C GLN B 160 29.26 18.49 1.01
N TYR B 161 27.94 18.39 1.19
CA TYR B 161 27.04 17.45 0.44
C TYR B 161 26.21 18.24 -0.57
N ASP B 162 26.76 19.34 -1.11
CA ASP B 162 26.23 20.02 -2.28
C ASP B 162 24.86 20.70 -2.08
N PHE B 163 24.40 20.82 -0.84
CA PHE B 163 23.26 21.67 -0.51
C PHE B 163 23.77 23.10 -0.40
N PRO B 164 22.95 24.13 -0.74
CA PRO B 164 23.43 25.52 -0.76
C PRO B 164 23.45 26.14 0.65
N GLY B 165 24.40 25.68 1.47
CA GLY B 165 24.53 26.06 2.88
C GLY B 165 24.38 27.54 3.20
N ASP B 166 25.00 28.40 2.38
CA ASP B 166 24.94 29.85 2.58
C ASP B 166 23.53 30.40 2.44
N ASP B 167 22.71 29.74 1.62
CA ASP B 167 21.34 30.19 1.30
C ASP B 167 20.23 29.43 2.04
N THR B 168 20.59 28.40 2.81
CA THR B 168 19.64 27.60 3.55
C THR B 168 19.00 28.44 4.66
N PRO B 169 17.65 28.55 4.73
CA PRO B 169 17.01 29.22 5.86
C PRO B 169 17.35 28.47 7.16
N ILE B 170 17.78 29.20 8.20
CA ILE B 170 18.05 28.65 9.52
C ILE B 170 17.18 29.42 10.53
N VAL B 171 16.29 28.71 11.21
CA VAL B 171 15.40 29.29 12.19
C VAL B 171 15.86 28.96 13.60
N ARG B 172 16.16 30.01 14.37
CA ARG B 172 16.49 29.94 15.83
C ARG B 172 15.19 29.86 16.61
N GLY B 173 14.91 28.70 17.21
CA GLY B 173 13.68 28.48 17.96
C GLY B 173 13.79 27.48 19.09
N SER B 174 12.65 27.21 19.71
CA SER B 174 12.50 26.22 20.76
C SER B 174 11.21 25.45 20.51
N ALA B 175 11.35 24.18 20.14
CA ALA B 175 10.22 23.30 19.90
C ALA B 175 9.39 23.15 21.16
N LEU B 176 10.06 23.04 22.31
CA LEU B 176 9.39 22.77 23.58
C LEU B 176 8.59 23.98 24.06
N LYS B 177 9.25 25.14 24.14
CA LYS B 177 8.59 26.37 24.56
C LYS B 177 7.37 26.70 23.69
N ALA B 178 7.50 26.46 22.38
CA ALA B 178 6.42 26.70 21.41
C ALA B 178 5.28 25.69 21.57
N LEU B 179 5.63 24.44 21.87
CA LEU B 179 4.65 23.39 22.16
C LEU B 179 3.88 23.68 23.46
N GLU B 180 4.54 24.37 24.41
CA GLU B 180 3.97 24.71 25.73
C GLU B 180 3.11 25.98 25.77
N GLY B 181 3.09 26.75 24.67
CA GLY B 181 2.19 27.89 24.51
C GLY B 181 2.80 29.27 24.56
N ASP B 182 4.13 29.36 24.66
CA ASP B 182 4.83 30.64 24.69
C ASP B 182 4.76 31.27 23.29
N ALA B 183 3.93 32.32 23.16
CA ALA B 183 3.67 33.01 21.89
C ALA B 183 4.94 33.51 21.18
N GLU B 184 5.92 33.95 21.98
CA GLU B 184 7.19 34.48 21.46
C GLU B 184 7.99 33.42 20.69
N TRP B 185 7.93 32.17 21.16
CA TRP B 185 8.59 31.03 20.54
C TRP B 185 7.73 30.34 19.48
N GLU B 186 6.40 30.40 19.66
CA GLU B 186 5.43 29.93 18.66
C GLU B 186 5.58 30.71 17.36
N ALA B 187 5.96 31.99 17.49
CA ALA B 187 6.26 32.84 16.35
C ALA B 187 7.37 32.24 15.45
N LYS B 188 8.33 31.55 16.07
CA LYS B 188 9.44 30.92 15.35
C LYS B 188 9.01 29.67 14.58
N ILE B 189 8.07 28.91 15.14
CA ILE B 189 7.45 27.80 14.42
C ILE B 189 6.72 28.30 13.16
N LEU B 190 6.12 29.50 13.27
CA LEU B 190 5.43 30.11 12.14
C LEU B 190 6.41 30.61 11.06
N GLU B 191 7.59 31.07 11.50
CA GLU B 191 8.69 31.46 10.61
C GLU B 191 9.18 30.25 9.80
N LEU B 192 9.36 29.11 10.49
CA LEU B 192 9.69 27.84 9.85
C LEU B 192 8.64 27.42 8.81
N ALA B 193 7.35 27.53 9.17
CA ALA B 193 6.24 27.20 8.27
C ALA B 193 6.30 28.07 7.02
N GLY B 194 6.58 29.36 7.22
CA GLY B 194 6.79 30.28 6.11
C GLY B 194 7.88 29.84 5.16
N PHE B 195 8.99 29.31 5.71
CA PHE B 195 10.11 28.84 4.90
C PHE B 195 9.76 27.56 4.12
N LEU B 196 9.05 26.64 4.76
CA LEU B 196 8.47 25.50 4.05
C LEU B 196 7.69 26.01 2.83
N ASP B 197 6.80 26.98 3.07
CA ASP B 197 5.98 27.60 2.02
C ASP B 197 6.80 28.29 0.94
N SER B 198 7.80 29.08 1.36
CA SER B 198 8.54 29.96 0.44
C SER B 198 9.78 29.36 -0.22
N TYR B 199 10.44 28.41 0.46
CA TYR B 199 11.77 27.87 0.07
C TYR B 199 11.63 26.55 -0.70
N ILE B 200 10.70 25.68 -0.30
CA ILE B 200 10.46 24.43 -1.02
C ILE B 200 9.49 24.69 -2.17
N PRO B 201 9.92 24.65 -3.45
CA PRO B 201 9.01 24.90 -4.57
C PRO B 201 7.92 23.82 -4.66
N GLU B 202 6.80 24.15 -5.31
CA GLU B 202 5.74 23.19 -5.59
C GLU B 202 6.33 22.05 -6.41
N PRO B 203 6.18 20.77 -5.97
CA PRO B 203 6.64 19.63 -6.77
C PRO B 203 5.98 19.56 -8.16
N GLU B 204 6.80 19.32 -9.19
CA GLU B 204 6.31 19.17 -10.56
C GLU B 204 5.40 17.94 -10.65
N ARG B 205 4.21 18.15 -11.20
CA ARG B 205 3.20 17.08 -11.46
C ARG B 205 3.70 16.22 -12.62
N ALA B 206 3.42 14.91 -12.59
CA ALA B 206 3.88 13.93 -13.57
C ALA B 206 3.62 14.36 -15.00
N ILE B 207 2.39 14.80 -15.26
CA ILE B 207 1.95 15.27 -16.58
C ILE B 207 2.82 16.37 -17.17
N ASP B 208 3.44 17.18 -16.30
CA ASP B 208 4.33 18.26 -16.71
C ASP B 208 5.75 17.79 -17.04
N LYS B 209 6.12 16.60 -16.57
CA LYS B 209 7.46 16.04 -16.77
C LYS B 209 7.60 15.43 -18.15
N PRO B 210 8.84 15.24 -18.67
CA PRO B 210 9.06 14.59 -19.95
C PRO B 210 8.34 13.23 -20.05
N PHE B 211 7.78 12.92 -21.23
CA PHE B 211 7.07 11.66 -21.44
C PHE B 211 7.97 10.45 -21.14
N LEU B 212 7.43 9.51 -20.36
CA LEU B 212 8.05 8.21 -20.14
C LEU B 212 6.98 7.14 -19.94
N LEU B 213 7.16 5.99 -20.60
CA LEU B 213 6.26 4.85 -20.55
C LEU B 213 7.07 3.55 -20.47
N PRO B 214 7.08 2.84 -19.33
CA PRO B 214 7.72 1.52 -19.25
C PRO B 214 6.91 0.48 -20.03
N ILE B 215 7.58 -0.25 -20.93
CA ILE B 215 6.94 -1.25 -21.77
C ILE B 215 6.69 -2.53 -20.97
N GLU B 216 5.41 -2.88 -20.81
CA GLU B 216 4.99 -4.09 -20.12
C GLU B 216 4.67 -5.21 -21.09
N ASP B 217 4.26 -4.86 -22.31
CA ASP B 217 3.86 -5.84 -23.32
C ASP B 217 4.03 -5.31 -24.76
N VAL B 218 3.96 -6.22 -25.73
CA VAL B 218 4.17 -5.92 -27.13
C VAL B 218 3.40 -6.90 -28.04
N PHE B 219 2.78 -6.34 -29.09
CA PHE B 219 1.95 -7.07 -30.03
C PHE B 219 2.14 -6.45 -31.41
N SER B 220 1.93 -7.27 -32.46
CA SER B 220 1.87 -6.80 -33.84
C SER B 220 0.43 -6.86 -34.29
N ILE B 221 -0.21 -5.69 -34.37
CA ILE B 221 -1.63 -5.62 -34.62
C ILE B 221 -1.82 -5.54 -36.13
N SER B 222 -2.74 -6.36 -36.65
CA SER B 222 -3.02 -6.47 -38.08
C SER B 222 -3.06 -5.12 -38.75
N GLY B 223 -2.29 -4.97 -39.83
CA GLY B 223 -2.24 -3.76 -40.64
C GLY B 223 -1.39 -2.65 -40.06
N ARG B 224 -1.62 -2.32 -38.78
CA ARG B 224 -1.08 -1.09 -38.14
C ARG B 224 0.39 -1.25 -37.78
N GLY B 225 0.82 -2.43 -37.33
CA GLY B 225 2.21 -2.68 -36.97
C GLY B 225 2.39 -3.04 -35.51
N THR B 226 3.54 -2.65 -34.94
CA THR B 226 3.92 -3.00 -33.58
C THR B 226 3.35 -1.98 -32.56
N VAL B 227 2.58 -2.49 -31.59
CA VAL B 227 2.08 -1.70 -30.48
C VAL B 227 2.84 -2.12 -29.22
N VAL B 228 3.23 -1.13 -28.39
CA VAL B 228 3.77 -1.39 -27.06
C VAL B 228 2.82 -0.83 -26.01
N THR B 229 2.55 -1.63 -24.98
CA THR B 229 1.60 -1.28 -23.93
C THR B 229 2.31 -1.01 -22.62
N GLY B 230 1.72 -0.09 -21.84
CA GLY B 230 2.13 0.17 -20.49
C GLY B 230 1.33 1.31 -19.94
N ARG B 231 1.61 1.68 -18.69
CA ARG B 231 1.06 2.88 -18.02
C ARG B 231 2.00 4.05 -18.32
N VAL B 232 1.44 5.22 -18.68
CA VAL B 232 2.25 6.42 -18.86
C VAL B 232 2.64 6.89 -17.44
N GLU B 233 3.94 6.82 -17.12
CA GLU B 233 4.44 7.30 -15.84
C GLU B 233 4.32 8.82 -15.76
N ARG B 234 4.89 9.50 -16.75
CA ARG B 234 5.02 10.97 -16.82
C ARG B 234 4.65 11.48 -18.22
N GLY B 235 4.23 12.74 -18.31
CA GLY B 235 4.09 13.43 -19.56
C GLY B 235 2.91 13.01 -20.41
N ILE B 236 2.95 13.46 -21.67
CA ILE B 236 1.93 13.19 -22.66
C ILE B 236 2.63 12.80 -23.95
N ILE B 237 2.20 11.68 -24.54
CA ILE B 237 2.58 11.31 -25.89
C ILE B 237 1.39 11.54 -26.81
N LYS B 238 1.60 12.32 -27.88
CA LYS B 238 0.58 12.61 -28.89
C LYS B 238 0.93 11.91 -30.21
N VAL B 239 -0.11 11.62 -31.00
CA VAL B 239 0.05 11.04 -32.34
C VAL B 239 0.92 12.00 -33.16
N GLY B 240 2.00 11.46 -33.73
CA GLY B 240 2.95 12.21 -34.52
C GLY B 240 4.29 12.53 -33.85
N GLU B 241 4.30 12.55 -32.51
CA GLU B 241 5.50 12.88 -31.75
C GLU B 241 6.56 11.80 -31.90
N GLU B 242 7.83 12.23 -31.94
CA GLU B 242 8.97 11.33 -31.93
C GLU B 242 9.15 10.81 -30.51
N VAL B 243 9.69 9.59 -30.40
CA VAL B 243 10.03 8.95 -29.13
C VAL B 243 11.30 8.15 -29.30
N GLU B 244 12.04 7.96 -28.20
CA GLU B 244 13.15 7.02 -28.17
C GLU B 244 12.73 5.75 -27.45
N ILE B 245 13.41 4.64 -27.78
CA ILE B 245 13.25 3.35 -27.12
C ILE B 245 14.58 3.07 -26.44
N VAL B 246 14.59 3.23 -25.11
CA VAL B 246 15.82 3.21 -24.30
C VAL B 246 15.88 1.98 -23.41
N GLY B 247 17.07 1.37 -23.34
CA GLY B 247 17.35 0.21 -22.51
C GLY B 247 17.64 -1.08 -23.25
N ILE B 248 18.43 -1.95 -22.61
CA ILE B 248 18.72 -3.33 -23.05
C ILE B 248 19.64 -3.41 -24.29
N LYS B 249 19.28 -2.64 -25.33
CA LYS B 249 20.07 -2.52 -26.54
C LYS B 249 20.28 -1.05 -26.85
N GLU B 250 20.98 -0.76 -27.95
CA GLU B 250 21.21 0.61 -28.38
C GLU B 250 19.86 1.29 -28.60
N THR B 251 19.79 2.58 -28.25
CA THR B 251 18.58 3.36 -28.33
C THR B 251 18.11 3.42 -29.77
N GLN B 252 16.79 3.29 -29.96
CA GLN B 252 16.14 3.41 -31.26
C GLN B 252 15.24 4.63 -31.27
N LYS B 253 14.99 5.14 -32.48
CA LYS B 253 14.11 6.28 -32.72
C LYS B 253 12.86 5.76 -33.41
N SER B 254 11.75 6.50 -33.25
CA SER B 254 10.49 6.20 -33.90
C SER B 254 9.52 7.33 -33.74
N THR B 255 8.34 7.18 -34.36
CA THR B 255 7.25 8.12 -34.25
C THR B 255 6.02 7.38 -33.75
N CYS B 256 5.29 8.01 -32.82
CA CYS B 256 3.98 7.54 -32.42
C CYS B 256 2.99 7.78 -33.56
N THR B 257 2.43 6.71 -34.09
CA THR B 257 1.43 6.76 -35.15
C THR B 257 0.04 6.32 -34.65
N GLY B 258 -0.17 6.39 -33.34
CA GLY B 258 -1.42 5.99 -32.73
C GLY B 258 -1.32 5.73 -31.24
N VAL B 259 -2.44 5.97 -30.53
CA VAL B 259 -2.58 5.65 -29.11
C VAL B 259 -3.95 5.03 -28.91
N GLU B 260 -3.98 3.79 -28.43
CA GLU B 260 -5.24 3.07 -28.23
C GLU B 260 -5.48 2.77 -26.75
N MET B 261 -6.74 2.88 -26.32
CA MET B 261 -7.20 2.41 -25.02
C MET B 261 -8.38 1.48 -25.24
N PHE B 262 -8.15 0.18 -25.04
CA PHE B 262 -9.14 -0.87 -25.30
C PHE B 262 -9.52 -0.87 -26.79
N ARG B 263 -10.65 -0.23 -27.15
CA ARG B 263 -11.15 -0.13 -28.54
C ARG B 263 -11.27 1.35 -28.97
N LYS B 264 -10.89 2.29 -28.10
CA LYS B 264 -10.97 3.72 -28.42
C LYS B 264 -9.62 4.22 -28.89
N LEU B 265 -9.60 4.81 -30.09
CA LEU B 265 -8.43 5.51 -30.62
C LEU B 265 -8.38 6.91 -30.02
N LEU B 266 -7.18 7.33 -29.62
CA LEU B 266 -6.95 8.63 -29.01
C LEU B 266 -5.86 9.35 -29.78
N ASP B 267 -5.84 10.68 -29.66
CA ASP B 267 -4.81 11.51 -30.29
C ASP B 267 -3.61 11.68 -29.35
N GLU B 268 -3.79 11.27 -28.09
CA GLU B 268 -2.71 11.29 -27.10
C GLU B 268 -2.92 10.30 -25.96
N GLY B 269 -1.83 10.03 -25.22
CA GLY B 269 -1.84 9.27 -23.98
C GLY B 269 -1.19 10.08 -22.87
N ARG B 270 -1.85 10.17 -21.72
CA ARG B 270 -1.48 11.05 -20.58
C ARG B 270 -0.96 10.23 -19.39
N ALA B 271 -0.09 10.83 -18.57
CA ALA B 271 0.36 10.23 -17.33
C ALA B 271 -0.82 9.59 -16.60
N GLY B 272 -0.64 8.33 -16.16
CA GLY B 272 -1.64 7.61 -15.39
C GLY B 272 -2.46 6.59 -16.16
N GLU B 273 -2.57 6.81 -17.48
CA GLU B 273 -3.38 5.96 -18.36
C GLU B 273 -2.59 4.77 -18.87
N ASN B 274 -3.23 3.60 -18.85
CA ASN B 274 -2.75 2.39 -19.53
C ASN B 274 -3.16 2.44 -20.99
N VAL B 275 -2.16 2.51 -21.89
CA VAL B 275 -2.38 2.69 -23.31
C VAL B 275 -1.49 1.77 -24.14
N GLY B 276 -1.82 1.64 -25.42
CA GLY B 276 -1.00 0.99 -26.42
C GLY B 276 -0.54 2.05 -27.41
N VAL B 277 0.78 2.14 -27.60
CA VAL B 277 1.40 3.12 -28.48
C VAL B 277 1.93 2.40 -29.72
N LEU B 278 1.44 2.82 -30.89
CA LEU B 278 1.87 2.31 -32.18
C LEU B 278 3.16 3.02 -32.60
N LEU B 279 4.16 2.23 -33.01
CA LEU B 279 5.49 2.72 -33.33
C LEU B 279 5.83 2.49 -34.81
N ARG B 280 6.13 3.59 -35.51
CA ARG B 280 6.53 3.60 -36.95
C ARG B 280 7.93 2.97 -37.08
N GLY B 281 8.08 2.04 -38.03
CA GLY B 281 9.38 1.50 -38.42
C GLY B 281 9.98 0.48 -37.48
N ILE B 282 9.22 0.06 -36.45
CA ILE B 282 9.74 -0.80 -35.39
C ILE B 282 9.13 -2.18 -35.47
N LYS B 283 10.02 -3.19 -35.46
CA LYS B 283 9.64 -4.59 -35.45
C LYS B 283 9.42 -5.05 -34.02
N ARG B 284 8.58 -6.09 -33.88
CA ARG B 284 8.27 -6.77 -32.60
C ARG B 284 9.57 -7.30 -31.97
N GLU B 285 10.49 -7.80 -32.81
CA GLU B 285 11.74 -8.39 -32.35
C GLU B 285 12.72 -7.36 -31.79
N GLU B 286 12.49 -6.08 -32.13
CA GLU B 286 13.29 -4.96 -31.66
C GLU B 286 12.88 -4.41 -30.28
N ILE B 287 11.89 -5.05 -29.65
CA ILE B 287 11.36 -4.64 -28.34
C ILE B 287 11.71 -5.71 -27.30
N GLU B 288 12.34 -5.28 -26.19
CA GLU B 288 12.79 -6.15 -25.11
C GLU B 288 12.20 -5.74 -23.77
N ARG B 289 11.97 -6.74 -22.90
CA ARG B 289 11.57 -6.56 -21.48
C ARG B 289 12.56 -5.60 -20.78
N GLY B 290 12.05 -4.54 -20.15
CA GLY B 290 12.85 -3.56 -19.43
C GLY B 290 13.07 -2.23 -20.11
N GLN B 291 12.65 -2.13 -21.38
CA GLN B 291 12.76 -0.89 -22.15
C GLN B 291 11.68 0.10 -21.81
N VAL B 292 11.95 1.39 -22.07
CA VAL B 292 10.98 2.46 -21.94
C VAL B 292 10.85 3.27 -23.25
N LEU B 293 9.64 3.78 -23.50
CA LEU B 293 9.44 4.87 -24.45
C LEU B 293 9.65 6.16 -23.69
N ALA B 294 10.47 7.06 -24.25
CA ALA B 294 10.79 8.34 -23.61
C ALA B 294 10.83 9.46 -24.64
N LYS B 295 10.52 10.68 -24.18
CA LYS B 295 10.73 11.90 -24.97
C LYS B 295 12.20 11.91 -25.39
N PRO B 296 12.50 12.10 -26.69
CA PRO B 296 13.87 11.96 -27.20
C PRO B 296 14.91 12.76 -26.40
N GLY B 297 15.97 12.07 -25.94
CA GLY B 297 17.10 12.69 -25.27
C GLY B 297 16.88 13.14 -23.84
N THR B 298 15.83 12.59 -23.20
CA THR B 298 15.46 12.95 -21.82
C THR B 298 15.86 11.91 -20.76
N ILE B 299 16.29 10.72 -21.21
CA ILE B 299 16.76 9.66 -20.31
C ILE B 299 17.72 8.75 -21.07
N LYS B 300 18.89 8.47 -20.47
CA LYS B 300 19.95 7.70 -21.12
C LYS B 300 20.04 6.30 -20.50
N PRO B 301 20.50 5.29 -21.27
CA PRO B 301 20.72 3.96 -20.71
C PRO B 301 22.05 3.91 -19.94
N HIS B 302 22.07 3.21 -18.80
CA HIS B 302 23.28 2.98 -18.03
C HIS B 302 23.33 1.55 -17.53
N THR B 303 24.54 1.01 -17.43
CA THR B 303 24.80 -0.34 -16.94
C THR B 303 25.36 -0.34 -15.50
N LYS B 304 26.15 0.70 -15.20
CA LYS B 304 26.87 0.80 -13.94
C LYS B 304 26.38 2.02 -13.17
N PHE B 305 26.17 1.84 -11.86
CA PHE B 305 25.71 2.93 -11.00
C PHE B 305 26.12 2.73 -9.56
N GLU B 306 26.16 3.84 -8.83
CA GLU B 306 26.33 3.86 -7.39
C GLU B 306 24.95 3.91 -6.74
N SER B 307 24.77 3.12 -5.67
CA SER B 307 23.50 3.02 -4.99
C SER B 307 23.65 3.03 -3.47
N GLU B 308 22.58 3.50 -2.80
CA GLU B 308 22.35 3.25 -1.40
C GLU B 308 21.30 2.14 -1.35
N VAL B 309 21.64 1.04 -0.65
CA VAL B 309 20.79 -0.15 -0.59
C VAL B 309 20.56 -0.51 0.86
N TYR B 310 19.36 -1.03 1.15
CA TYR B 310 19.01 -1.72 2.41
C TYR B 310 18.78 -3.20 2.12
N ILE B 311 19.42 -4.09 2.88
CA ILE B 311 19.28 -5.53 2.71
C ILE B 311 18.33 -6.02 3.79
N LEU B 312 17.24 -6.68 3.37
CA LEU B 312 16.22 -7.16 4.31
C LEU B 312 16.83 -8.10 5.33
N SER B 313 16.29 -8.06 6.55
CA SER B 313 16.68 -8.98 7.62
C SER B 313 15.95 -10.30 7.42
N LYS B 314 16.38 -11.33 8.17
CA LYS B 314 15.73 -12.64 8.18
C LYS B 314 14.22 -12.49 8.43
N ASP B 315 13.88 -11.68 9.43
CA ASP B 315 12.50 -11.42 9.86
C ASP B 315 11.64 -10.81 8.76
N GLU B 316 12.21 -9.82 8.05
CA GLU B 316 11.52 -9.12 6.96
C GLU B 316 11.25 -9.99 5.73
N GLY B 317 11.73 -11.25 5.77
CA GLY B 317 11.53 -12.21 4.69
C GLY B 317 12.69 -12.30 3.72
N GLY B 318 13.86 -11.78 4.14
CA GLY B 318 15.07 -11.79 3.36
C GLY B 318 15.84 -13.10 3.53
N ARG B 319 17.16 -13.03 3.33
CA ARG B 319 18.08 -14.20 3.38
C ARG B 319 18.57 -14.41 4.82
N HIS B 320 19.08 -15.62 5.10
CA HIS B 320 19.63 -15.99 6.39
C HIS B 320 21.12 -15.67 6.43
N THR B 321 21.84 -16.07 5.37
CA THR B 321 23.28 -15.93 5.26
C THR B 321 23.66 -14.58 4.66
N PRO B 322 24.88 -14.06 4.93
CA PRO B 322 25.39 -12.87 4.24
C PRO B 322 26.02 -13.17 2.87
N PHE B 323 26.20 -12.13 2.05
CA PHE B 323 26.81 -12.25 0.72
C PHE B 323 28.11 -11.46 0.64
N PHE B 324 28.88 -11.69 -0.43
CA PHE B 324 30.24 -11.19 -0.60
C PHE B 324 30.37 -10.56 -1.99
N LYS B 325 31.60 -10.26 -2.42
CA LYS B 325 31.86 -9.55 -3.66
C LYS B 325 31.20 -10.20 -4.89
N GLY B 326 31.24 -11.54 -4.96
CA GLY B 326 30.78 -12.29 -6.10
C GLY B 326 29.29 -12.55 -6.15
N TYR B 327 28.52 -11.78 -5.39
CA TYR B 327 27.03 -11.83 -5.36
C TYR B 327 26.49 -11.29 -6.68
N ARG B 328 25.54 -12.01 -7.29
CA ARG B 328 24.91 -11.65 -8.60
C ARG B 328 23.40 -11.76 -8.47
N PRO B 329 22.73 -10.81 -7.77
CA PRO B 329 21.29 -10.85 -7.61
C PRO B 329 20.54 -10.23 -8.80
N GLN B 330 19.21 -10.33 -8.76
CA GLN B 330 18.32 -9.69 -9.73
C GLN B 330 18.02 -8.28 -9.23
N PHE B 331 18.23 -7.28 -10.09
CA PHE B 331 17.92 -5.88 -9.81
C PHE B 331 16.67 -5.48 -10.59
N TYR B 332 15.55 -5.29 -9.88
CA TYR B 332 14.21 -5.03 -10.47
C TYR B 332 14.01 -3.53 -10.66
N PHE B 333 14.05 -3.07 -11.93
CA PHE B 333 13.74 -1.70 -12.32
C PHE B 333 12.43 -1.67 -13.10
N ARG B 334 11.41 -0.99 -12.56
CA ARG B 334 10.10 -0.70 -13.21
C ARG B 334 9.32 -2.00 -13.51
N THR B 335 9.76 -2.78 -14.49
CA THR B 335 8.99 -3.91 -15.03
C THR B 335 9.68 -5.28 -15.00
N THR B 336 11.01 -5.30 -14.88
CA THR B 336 11.78 -6.54 -15.01
C THR B 336 13.07 -6.62 -14.20
N ASP B 337 13.48 -7.85 -13.88
CA ASP B 337 14.76 -8.14 -13.25
C ASP B 337 15.87 -7.93 -14.27
N VAL B 338 17.02 -7.43 -13.79
CA VAL B 338 18.24 -7.42 -14.56
C VAL B 338 19.37 -7.83 -13.63
N THR B 339 20.04 -8.93 -13.97
CA THR B 339 21.16 -9.44 -13.21
C THR B 339 22.28 -8.41 -13.22
N GLY B 340 23.00 -8.30 -12.10
CA GLY B 340 24.13 -7.42 -11.98
C GLY B 340 25.17 -7.98 -11.03
N THR B 341 26.39 -7.46 -11.14
CA THR B 341 27.48 -7.74 -10.23
C THR B 341 27.65 -6.49 -9.36
N ILE B 342 28.21 -6.68 -8.16
CA ILE B 342 28.37 -5.62 -7.18
C ILE B 342 29.84 -5.40 -6.82
N GLU B 343 30.16 -4.17 -6.43
CA GLU B 343 31.44 -3.82 -5.82
C GLU B 343 31.14 -3.15 -4.48
N LEU B 344 31.76 -3.68 -3.42
CA LEU B 344 31.54 -3.25 -2.05
C LEU B 344 32.56 -2.19 -1.65
N PRO B 345 32.22 -1.27 -0.71
CA PRO B 345 33.16 -0.25 -0.26
C PRO B 345 34.42 -0.86 0.39
N GLU B 346 35.54 -0.14 0.34
CA GLU B 346 36.84 -0.66 0.75
C GLU B 346 36.79 -1.17 2.19
N GLY B 347 37.46 -2.30 2.43
CA GLY B 347 37.53 -2.92 3.73
C GLY B 347 36.21 -3.46 4.24
N VAL B 348 35.36 -3.93 3.32
CA VAL B 348 34.11 -4.61 3.65
C VAL B 348 34.02 -5.92 2.86
N GLU B 349 34.10 -7.05 3.57
CA GLU B 349 34.19 -8.37 2.97
C GLU B 349 32.84 -9.10 2.95
N MET B 350 31.83 -8.49 3.56
CA MET B 350 30.58 -9.17 3.88
C MET B 350 29.45 -8.15 4.00
N VAL B 351 28.21 -8.64 3.87
CA VAL B 351 27.00 -7.84 4.08
C VAL B 351 25.91 -8.72 4.68
N MET B 352 25.47 -8.38 5.90
CA MET B 352 24.54 -9.19 6.68
C MET B 352 23.10 -8.78 6.40
N PRO B 353 22.12 -9.70 6.63
CA PRO B 353 20.70 -9.31 6.64
C PRO B 353 20.46 -8.12 7.59
N GLY B 354 19.82 -7.05 7.09
CA GLY B 354 19.51 -5.88 7.88
C GLY B 354 20.50 -4.73 7.74
N ASP B 355 21.64 -4.98 7.08
CA ASP B 355 22.62 -3.93 6.80
C ASP B 355 22.11 -2.96 5.74
N ASN B 356 22.67 -1.75 5.74
CA ASN B 356 22.58 -0.82 4.63
C ASN B 356 23.99 -0.41 4.21
N ILE B 357 24.26 -0.43 2.90
CA ILE B 357 25.56 -0.05 2.36
C ILE B 357 25.47 0.77 1.08
N LYS B 358 26.50 1.57 0.84
CA LYS B 358 26.80 2.11 -0.48
C LYS B 358 27.30 0.93 -1.30
N MET B 359 26.83 0.85 -2.56
CA MET B 359 27.06 -0.32 -3.41
C MET B 359 27.12 0.13 -4.86
N VAL B 360 28.22 -0.22 -5.54
CA VAL B 360 28.39 0.03 -6.96
C VAL B 360 27.89 -1.21 -7.68
N VAL B 361 26.90 -1.01 -8.56
CA VAL B 361 26.28 -2.10 -9.32
C VAL B 361 26.65 -2.01 -10.79
N THR B 362 26.94 -3.17 -11.40
CA THR B 362 27.18 -3.30 -12.84
C THR B 362 26.14 -4.28 -13.42
N LEU B 363 25.22 -3.76 -14.24
CA LEU B 363 24.17 -4.56 -14.86
C LEU B 363 24.69 -5.19 -16.15
N ILE B 364 24.16 -6.38 -16.47
CA ILE B 364 24.49 -7.11 -17.69
C ILE B 364 23.87 -6.53 -18.96
N HIS B 365 22.67 -5.95 -18.84
CA HIS B 365 22.05 -5.15 -19.90
C HIS B 365 21.83 -3.73 -19.36
N PRO B 366 21.98 -2.69 -20.19
CA PRO B 366 21.71 -1.31 -19.75
C PRO B 366 20.23 -1.04 -19.49
N ILE B 367 19.93 -0.07 -18.60
CA ILE B 367 18.57 0.32 -18.26
C ILE B 367 18.51 1.83 -18.25
N ALA B 368 17.39 2.37 -18.77
CA ALA B 368 17.14 3.79 -18.74
C ALA B 368 16.97 4.22 -17.29
N MET B 369 17.81 5.16 -16.84
CA MET B 369 17.79 5.61 -15.45
C MET B 369 18.37 7.01 -15.26
N ASP B 370 17.86 7.69 -14.24
CA ASP B 370 18.42 8.91 -13.69
C ASP B 370 18.68 8.69 -12.20
N ASP B 371 19.45 9.59 -11.58
CA ASP B 371 19.65 9.60 -10.15
C ASP B 371 18.30 9.75 -9.49
N GLY B 372 18.04 8.91 -8.48
CA GLY B 372 16.78 8.91 -7.75
C GLY B 372 15.92 7.68 -8.01
N LEU B 373 16.18 6.99 -9.12
CA LEU B 373 15.40 5.82 -9.52
C LEU B 373 15.56 4.71 -8.49
N ARG B 374 14.43 4.24 -7.95
CA ARG B 374 14.36 3.17 -6.93
C ARG B 374 14.36 1.81 -7.63
N PHE B 375 14.76 0.76 -6.91
CA PHE B 375 14.76 -0.60 -7.43
C PHE B 375 14.69 -1.59 -6.27
N ALA B 376 14.27 -2.81 -6.57
CA ALA B 376 14.31 -3.90 -5.62
C ALA B 376 15.43 -4.85 -6.02
N ILE B 377 15.95 -5.59 -5.03
CA ILE B 377 16.95 -6.63 -5.24
C ILE B 377 16.25 -7.95 -4.91
N ARG B 378 16.28 -8.91 -5.84
CA ARG B 378 15.52 -10.18 -5.74
C ARG B 378 16.44 -11.38 -5.97
N GLU B 379 16.03 -12.56 -5.45
CA GLU B 379 16.65 -13.84 -5.71
C GLU B 379 15.55 -14.81 -6.11
N GLY B 380 15.45 -15.08 -7.42
CA GLY B 380 14.44 -15.98 -7.97
C GLY B 380 13.03 -15.57 -7.57
N GLY B 381 12.73 -14.28 -7.72
CA GLY B 381 11.41 -13.74 -7.48
C GLY B 381 11.22 -13.03 -6.14
N ARG B 382 11.89 -13.54 -5.09
CA ARG B 382 11.70 -13.10 -3.68
C ARG B 382 12.62 -11.91 -3.37
N THR B 383 12.03 -10.78 -2.92
CA THR B 383 12.75 -9.56 -2.59
C THR B 383 13.68 -9.74 -1.38
N VAL B 384 14.98 -9.51 -1.61
CA VAL B 384 16.02 -9.61 -0.58
C VAL B 384 16.56 -8.26 -0.12
N GLY B 385 16.34 -7.22 -0.94
CA GLY B 385 16.76 -5.85 -0.63
C GLY B 385 15.96 -4.81 -1.39
N ALA B 386 16.34 -3.54 -1.18
CA ALA B 386 15.82 -2.42 -1.93
C ALA B 386 16.85 -1.31 -1.90
N GLY B 387 16.80 -0.42 -2.89
CA GLY B 387 17.76 0.66 -3.00
C GLY B 387 17.31 1.79 -3.88
N VAL B 388 18.21 2.75 -4.05
CA VAL B 388 18.01 3.91 -4.90
C VAL B 388 19.34 4.24 -5.54
N VAL B 389 19.30 4.55 -6.85
CA VAL B 389 20.50 4.91 -7.57
C VAL B 389 20.88 6.30 -7.06
N ALA B 390 22.10 6.41 -6.53
CA ALA B 390 22.64 7.65 -6.00
C ALA B 390 23.33 8.45 -7.10
N LYS B 391 24.16 7.77 -7.91
CA LYS B 391 24.86 8.37 -9.04
C LYS B 391 25.00 7.38 -10.20
N VAL B 392 24.56 7.80 -11.40
CA VAL B 392 24.80 7.06 -12.64
C VAL B 392 26.25 7.28 -13.09
N LEU B 393 26.88 6.22 -13.60
CA LEU B 393 28.31 6.21 -13.88
C LEU B 393 28.64 6.03 -15.38
MG MG C . -8.47 -1.95 20.91
PB GDP D . -10.25 -3.40 23.18
O1B GDP D . -11.00 -2.10 23.39
O2B GDP D . -9.00 -3.31 22.35
O3B GDP D . -11.16 -4.53 22.77
O3A GDP D . -9.81 -3.77 24.70
PA GDP D . -8.34 -3.57 25.35
O1A GDP D . -7.89 -2.14 25.18
O2A GDP D . -7.44 -4.72 24.89
O5' GDP D . -8.68 -3.82 26.90
C5' GDP D . -9.52 -2.91 27.61
C4' GDP D . -9.28 -3.06 29.11
O4' GDP D . -9.60 -4.39 29.53
C3' GDP D . -7.82 -2.81 29.48
O3' GDP D . -7.75 -2.01 30.66
C2' GDP D . -7.25 -4.20 29.69
O2' GDP D . -6.19 -4.28 30.64
C1' GDP D . -8.46 -4.98 30.18
N9 GDP D . -8.33 -6.42 29.88
C8 GDP D . -8.08 -6.98 28.67
N7 GDP D . -8.04 -8.34 28.77
C5 GDP D . -8.29 -8.65 30.07
C6 GDP D . -8.39 -9.89 30.88
O6 GDP D . -8.24 -11.02 30.37
N1 GDP D . -8.65 -9.78 32.19
C2 GDP D . -8.82 -8.57 32.79
N2 GDP D . -9.08 -8.55 34.11
N3 GDP D . -8.73 -7.40 32.11
C4 GDP D . -8.46 -7.38 30.79
C14 Y7C E . -19.32 13.75 -6.16
C15 Y7C E . -17.80 13.75 -6.26
C16 Y7C E . -17.10 13.83 -4.91
C18 Y7C E . -25.41 14.52 -6.58
C02 Y7C E . -26.62 14.29 -7.18
C03 Y7C E . -27.08 15.09 -8.20
C04 Y7C E . -26.31 16.13 -8.65
C05 Y7C E . -25.09 16.36 -8.06
C06 Y7C E . -24.64 15.55 -7.03
C07 Y7C E . -23.28 15.90 -6.43
C09 Y7C E . -20.99 15.52 -5.60
N08 Y7C E . -22.21 14.96 -6.16
N10 Y7C E . -20.90 16.70 -4.97
N11 Y7C E . -19.62 16.92 -4.60
N12 Y7C E . -18.92 15.86 -4.98
N13 Y7C E . -19.75 15.00 -5.60
O17 Y7C E . -23.13 17.03 -6.20
CL01 Y7C E . -27.66 12.96 -6.63
MG MG F . 11.76 11.20 18.10
PB GDP G . 14.14 13.34 18.81
O1B GDP G . 14.92 12.14 19.25
O2B GDP G . 12.71 12.95 18.44
O3B GDP G . 14.89 14.20 17.81
O3A GDP G . 14.05 14.44 20.03
PA GDP G . 12.74 14.75 20.97
O1A GDP G . 12.21 13.46 21.54
O2A GDP G . 11.76 15.64 20.25
O5' GDP G . 13.35 15.63 22.18
C5' GDP G . 14.37 15.10 23.04
C4' GDP G . 14.39 15.82 24.39
O4' GDP G . 14.75 17.21 24.22
C3' GDP G . 13.02 15.78 25.05
O3' GDP G . 13.18 15.46 26.45
C2' GDP G . 12.46 17.16 24.77
O2' GDP G . 11.50 17.65 25.72
C1' GDP G . 13.70 18.04 24.71
N9 GDP G . 13.48 19.19 23.79
C8 GDP G . 13.01 19.16 22.52
N7 GDP G . 12.96 20.41 21.99
C5 GDP G . 13.41 21.27 22.94
C6 GDP G . 13.62 22.74 23.07
O6 GDP G . 13.35 23.52 22.15
N1 GDP G . 14.11 23.21 24.23
C2 GDP G . 14.38 22.40 25.27
N2 GDP G . 14.86 22.93 26.41
N3 GDP G . 14.21 21.05 25.23
C4 GDP G . 13.74 20.45 24.12
#